data_5C3Q
#
_entry.id   5C3Q
#
_cell.length_a   56.900
_cell.length_b   156.318
_cell.length_c   76.028
_cell.angle_alpha   90.000
_cell.angle_beta   91.770
_cell.angle_gamma   90.000
#
_symmetry.space_group_name_H-M   'P 1 21 1'
#
loop_
_entity.id
_entity.type
_entity.pdbx_description
1 polymer 'Thymine dioxygenase'
2 non-polymer 'NICKEL (II) ION'
3 non-polymer '2-OXOGLUTARIC ACID'
4 non-polymer THYMINE
5 non-polymer 1,2-ETHANEDIOL
6 water water
#
_entity_poly.entity_id   1
_entity_poly.type   'polypeptide(L)'
_entity_poly.pdbx_seq_one_letter_code
;GSMEKAAVNEDGLVIPLIDFSKFLEGDETLKLETAKAILHGFQTAGFIYLKNIPIQPDFREHVFNTSAKFFKLPKEKKLE
VGWTTPEANRGYSAPGREKVTQLTDPAEIEKIRSAAPDIKESYEIGREDEPGHPNPWPAEQDDLVGFKSTMNNFFDQCKA
LHIEVMRAIAVGMGIDANYFDSFVDVGDNILRLLHYPAVKSEVFKINPGQVRAGEHTDYGSITLLFQDSRGGLQVKSPNG
QFIDATPIENTVVVNAGDLLARWSNDTIKSTVHRVVEPPKQEDVHPPRYSIAYFCNPNHKSYIEAIPGTYAAESERKYEG
INSGKYLVQRLAATYLEHHHHHH
;
_entity_poly.pdbx_strand_id   A,B,C,D
#
# COMPACT_ATOMS: atom_id res chain seq x y z
N GLY A 1 11.94 11.41 29.01
CA GLY A 1 11.34 12.29 27.97
C GLY A 1 9.85 12.03 27.79
N SER A 2 9.05 13.06 28.07
CA SER A 2 7.58 12.93 28.09
C SER A 2 6.95 12.82 26.70
N MET A 3 6.30 11.68 26.46
CA MET A 3 5.54 11.48 25.22
C MET A 3 4.08 11.86 25.49
N GLU A 4 3.40 12.41 24.48
CA GLU A 4 2.01 12.85 24.63
C GLU A 4 1.02 11.68 24.55
N LYS A 5 -0.19 11.90 25.04
CA LYS A 5 -1.25 10.91 24.88
C LYS A 5 -1.56 10.78 23.39
N ALA A 6 -1.69 9.54 22.92
CA ALA A 6 -1.97 9.27 21.52
C ALA A 6 -3.21 10.04 21.02
N ALA A 7 -3.14 10.52 19.78
CA ALA A 7 -4.29 11.19 19.17
C ALA A 7 -5.42 10.21 18.94
N VAL A 8 -5.07 9.00 18.51
CA VAL A 8 -6.03 7.92 18.28
C VAL A 8 -5.47 6.62 18.85
N ASN A 9 -6.33 5.88 19.55
CA ASN A 9 -5.96 4.60 20.13
C ASN A 9 -7.17 3.67 20.21
N GLU A 10 -7.47 3.02 19.09
CA GLU A 10 -8.64 2.14 18.99
C GLU A 10 -8.37 1.01 17.99
N ASP A 11 -8.80 -0.20 18.35
CA ASP A 11 -8.75 -1.37 17.47
C ASP A 11 -7.34 -1.69 16.96
N GLY A 12 -6.34 -1.43 17.78
CA GLY A 12 -4.95 -1.68 17.41
C GLY A 12 -4.31 -0.56 16.60
N LEU A 13 -5.09 0.48 16.26
CA LEU A 13 -4.57 1.66 15.56
C LEU A 13 -4.16 2.68 16.59
N VAL A 14 -2.86 2.97 16.65
CA VAL A 14 -2.33 3.99 17.56
C VAL A 14 -1.66 5.09 16.74
N ILE A 15 -2.28 6.27 16.71
CA ILE A 15 -1.71 7.42 16.01
C ILE A 15 -1.18 8.37 17.07
N PRO A 16 0.15 8.54 17.14
CA PRO A 16 0.73 9.38 18.18
C PRO A 16 0.50 10.86 17.95
N LEU A 17 0.45 11.61 19.05
CA LEU A 17 0.45 13.06 19.02
C LEU A 17 1.86 13.49 19.38
N ILE A 18 2.49 14.26 18.49
CA ILE A 18 3.89 14.63 18.66
C ILE A 18 4.03 16.14 18.59
N ASP A 19 4.80 16.68 19.54
CA ASP A 19 5.07 18.11 19.59
C ASP A 19 6.26 18.40 18.68
N PHE A 20 5.99 18.95 17.50
CA PHE A 20 7.03 19.11 16.49
C PHE A 20 8.10 20.12 16.88
N SER A 21 7.74 21.10 17.72
CA SER A 21 8.71 22.10 18.18
C SER A 21 9.87 21.44 18.92
N LYS A 22 9.63 20.28 19.52
CA LYS A 22 10.69 19.54 20.21
C LYS A 22 11.72 18.92 19.26
N PHE A 23 11.32 18.62 18.01
CA PHE A 23 12.30 18.22 16.99
C PHE A 23 13.08 19.43 16.50
N LEU A 24 12.40 20.55 16.30
CA LEU A 24 13.03 21.75 15.74
C LEU A 24 13.89 22.51 16.74
N GLU A 25 13.46 22.58 18.01
CA GLU A 25 14.11 23.42 19.02
C GLU A 25 14.75 22.69 20.19
N GLY A 26 14.51 21.39 20.34
CA GLY A 26 14.99 20.63 21.49
C GLY A 26 16.50 20.41 21.47
N ASP A 27 17.08 20.08 22.62
CA ASP A 27 18.48 19.64 22.65
C ASP A 27 18.62 18.32 21.89
N GLU A 28 19.86 17.86 21.73
CA GLU A 28 20.13 16.69 20.87
C GLU A 28 19.38 15.42 21.29
N THR A 29 19.26 15.18 22.58
CA THR A 29 18.54 14.00 23.09
C THR A 29 17.05 14.10 22.74
N LEU A 30 16.44 15.24 23.06
CA LEU A 30 15.02 15.45 22.80
C LEU A 30 14.69 15.41 21.30
N LYS A 31 15.60 15.97 20.50
CA LYS A 31 15.48 15.98 19.05
C LYS A 31 15.39 14.57 18.48
N LEU A 32 16.34 13.73 18.90
CA LEU A 32 16.38 12.32 18.48
C LEU A 32 15.17 11.54 18.98
N GLU A 33 14.80 11.73 20.25
CA GLU A 33 13.61 11.08 20.81
C GLU A 33 12.37 11.41 19.98
N THR A 34 12.23 12.68 19.62
CA THR A 34 11.08 13.14 18.87
C THR A 34 11.09 12.59 17.44
N ALA A 35 12.25 12.59 16.80
CA ALA A 35 12.40 12.06 15.45
C ALA A 35 12.06 10.57 15.41
N LYS A 36 12.54 9.82 16.40
CA LYS A 36 12.22 8.39 16.52
C LYS A 36 10.73 8.13 16.72
N ALA A 37 10.07 9.01 17.48
CA ALA A 37 8.62 8.90 17.71
C ALA A 37 7.84 9.13 16.41
N ILE A 38 8.26 10.14 15.65
CA ILE A 38 7.68 10.44 14.35
C ILE A 38 7.84 9.22 13.42
N LEU A 39 9.07 8.74 13.30
CA LEU A 39 9.34 7.57 12.46
C LEU A 39 8.55 6.34 12.90
N HIS A 40 8.52 6.07 14.20
CA HIS A 40 7.77 4.92 14.72
C HIS A 40 6.30 5.00 14.33
N GLY A 41 5.73 6.20 14.40
CA GLY A 41 4.35 6.45 13.94
C GLY A 41 4.13 6.10 12.48
N PHE A 42 5.04 6.54 11.61
CA PHE A 42 4.95 6.21 10.19
C PHE A 42 5.16 4.71 9.92
N GLN A 43 5.99 4.06 10.73
CA GLN A 43 6.29 2.63 10.55
C GLN A 43 5.18 1.70 11.05
N THR A 44 4.23 2.21 11.82
CA THR A 44 3.22 1.38 12.45
C THR A 44 1.83 1.74 11.95
N ALA A 45 1.41 2.99 12.19
CA ALA A 45 0.09 3.46 11.79
C ALA A 45 0.07 4.08 10.40
N GLY A 46 1.20 4.63 9.97
CA GLY A 46 1.27 5.38 8.72
C GLY A 46 0.78 6.80 8.85
N PHE A 47 0.32 7.15 10.06
CA PHE A 47 -0.30 8.42 10.39
C PHE A 47 0.27 8.94 11.71
N ILE A 48 0.48 10.26 11.79
CA ILE A 48 0.76 10.94 13.06
C ILE A 48 -0.03 12.25 13.15
N TYR A 49 -0.18 12.79 14.36
CA TYR A 49 -0.64 14.16 14.55
C TYR A 49 0.55 14.97 15.03
N LEU A 50 0.75 16.14 14.45
CA LEU A 50 1.75 17.08 14.93
C LEU A 50 1.10 18.30 15.53
N LYS A 51 1.60 18.72 16.69
CA LYS A 51 1.22 20.00 17.30
C LYS A 51 2.44 20.91 17.34
N ASN A 52 2.20 22.20 17.59
CA ASN A 52 3.25 23.22 17.65
C ASN A 52 4.16 23.19 16.44
N ILE A 53 3.56 23.19 15.26
CA ILE A 53 4.29 23.29 14.01
C ILE A 53 4.59 24.78 13.74
N PRO A 54 5.56 25.07 12.86
CA PRO A 54 5.91 26.47 12.61
C PRO A 54 4.81 27.33 11.95
N ILE A 55 3.82 26.71 11.32
CA ILE A 55 2.70 27.46 10.72
C ILE A 55 1.78 27.96 11.83
N GLN A 56 1.58 29.28 11.89
CA GLN A 56 0.81 29.91 12.96
C GLN A 56 -0.70 29.65 12.85
N PRO A 57 -1.37 29.41 13.98
CA PRO A 57 -2.82 29.13 13.95
C PRO A 57 -3.68 30.27 13.39
N ASP A 58 -3.30 31.52 13.62
CA ASP A 58 -4.07 32.64 13.06
C ASP A 58 -3.94 32.71 11.53
N PHE A 59 -2.76 32.37 11.00
CA PHE A 59 -2.58 32.30 9.55
C PHE A 59 -3.38 31.14 8.96
N ARG A 60 -3.36 29.98 9.62
CA ARG A 60 -4.16 28.82 9.19
C ARG A 60 -5.65 29.16 9.15
N GLU A 61 -6.13 29.85 10.17
CA GLU A 61 -7.52 30.29 10.25
C GLU A 61 -7.87 31.20 9.05
N HIS A 62 -6.97 32.13 8.75
CA HIS A 62 -7.11 33.01 7.60
C HIS A 62 -7.15 32.23 6.28
N VAL A 63 -6.26 31.25 6.15
CA VAL A 63 -6.22 30.40 4.94
C VAL A 63 -7.55 29.67 4.75
N PHE A 64 -8.08 29.10 5.83
CA PHE A 64 -9.40 28.44 5.79
C PHE A 64 -10.52 29.40 5.41
N ASN A 65 -10.52 30.60 5.98
CA ASN A 65 -11.49 31.63 5.62
C ASN A 65 -11.39 32.01 4.14
N THR A 66 -10.16 32.11 3.64
CA THR A 66 -9.90 32.43 2.25
C THR A 66 -10.39 31.30 1.33
N SER A 67 -10.18 30.05 1.75
CA SER A 67 -10.67 28.89 1.01
C SER A 67 -12.19 28.88 0.96
N ALA A 68 -12.83 29.15 2.10
CA ALA A 68 -14.30 29.25 2.18
C ALA A 68 -14.84 30.30 1.21
N LYS A 69 -14.10 31.39 1.05
CA LYS A 69 -14.49 32.46 0.13
C LYS A 69 -14.41 32.01 -1.33
N PHE A 70 -13.44 31.16 -1.67
CA PHE A 70 -13.37 30.61 -3.02
C PHE A 70 -14.58 29.74 -3.34
N PHE A 71 -14.93 28.83 -2.43
CA PHE A 71 -16.00 27.88 -2.71
C PHE A 71 -17.39 28.54 -2.72
N LYS A 72 -17.49 29.72 -2.11
CA LYS A 72 -18.71 30.54 -2.18
C LYS A 72 -18.92 31.20 -3.56
N LEU A 73 -17.88 31.20 -4.40
CA LEU A 73 -18.02 31.65 -5.79
C LEU A 73 -19.13 30.90 -6.52
N PRO A 74 -19.77 31.56 -7.50
CA PRO A 74 -20.78 30.90 -8.31
C PRO A 74 -20.17 29.78 -9.17
N LYS A 75 -20.95 28.74 -9.42
CA LYS A 75 -20.52 27.55 -10.15
C LYS A 75 -19.78 27.89 -11.45
N GLU A 76 -20.26 28.89 -12.18
CA GLU A 76 -19.62 29.25 -13.45
C GLU A 76 -18.20 29.82 -13.26
N LYS A 77 -17.99 30.58 -12.19
CA LYS A 77 -16.66 31.12 -11.91
C LYS A 77 -15.67 30.03 -11.50
N LYS A 78 -16.17 29.02 -10.79
CA LYS A 78 -15.32 27.91 -10.36
C LYS A 78 -14.98 27.00 -11.53
N LEU A 79 -15.95 26.71 -12.39
CA LEU A 79 -15.72 25.91 -13.59
C LEU A 79 -14.76 26.58 -14.58
N GLU A 80 -14.70 27.91 -14.57
CA GLU A 80 -13.76 28.66 -15.41
C GLU A 80 -12.30 28.32 -15.10
N VAL A 81 -12.04 27.91 -13.87
CA VAL A 81 -10.69 27.52 -13.45
C VAL A 81 -10.66 26.03 -13.16
N GLY A 82 -11.30 25.26 -14.06
CA GLY A 82 -11.48 23.84 -13.89
C GLY A 82 -10.21 23.02 -14.04
N TRP A 83 -10.16 21.91 -13.31
CA TRP A 83 -9.12 20.89 -13.44
C TRP A 83 -9.13 20.41 -14.89
N THR A 84 -7.95 20.31 -15.50
CA THR A 84 -7.86 19.95 -16.91
C THR A 84 -7.32 18.55 -17.10
N THR A 85 -6.02 18.38 -16.87
CA THR A 85 -5.34 17.13 -17.16
C THR A 85 -4.65 16.59 -15.92
N PRO A 86 -4.39 15.28 -15.87
CA PRO A 86 -3.62 14.69 -14.78
C PRO A 86 -2.17 15.21 -14.70
N GLU A 87 -1.57 15.57 -15.83
CA GLU A 87 -0.18 16.01 -15.78
C GLU A 87 -0.03 17.45 -15.27
N ALA A 88 -1.10 18.24 -15.37
CA ALA A 88 -1.17 19.56 -14.73
C ALA A 88 -1.58 19.41 -13.26
N ASN A 89 -2.65 18.65 -13.05
CA ASN A 89 -3.19 18.38 -11.71
C ASN A 89 -3.51 19.67 -10.92
N ARG A 90 -4.09 20.64 -11.60
CA ARG A 90 -4.39 21.95 -11.01
C ARG A 90 -5.78 22.40 -11.40
N GLY A 91 -6.46 23.06 -10.45
CA GLY A 91 -7.73 23.69 -10.73
C GLY A 91 -8.92 23.06 -10.01
N TYR A 92 -10.10 23.51 -10.39
CA TYR A 92 -11.33 23.20 -9.68
C TYR A 92 -11.95 21.90 -10.15
N SER A 93 -12.46 21.11 -9.20
CA SER A 93 -13.13 19.87 -9.53
C SER A 93 -14.29 19.58 -8.57
N ALA A 94 -15.34 18.96 -9.11
CA ALA A 94 -16.44 18.43 -8.32
C ALA A 94 -16.93 17.16 -9.00
N PRO A 95 -16.93 16.03 -8.26
CA PRO A 95 -17.30 14.76 -8.90
C PRO A 95 -18.75 14.74 -9.37
N GLY A 96 -18.97 14.32 -10.60
CA GLY A 96 -20.31 14.23 -11.18
C GLY A 96 -20.76 12.79 -11.30
N ARG A 97 -22.03 12.60 -11.68
CA ARG A 97 -22.57 11.27 -11.90
C ARG A 97 -22.22 10.77 -13.30
N GLU A 98 -21.84 9.51 -13.41
CA GLU A 98 -21.67 8.86 -14.70
C GLU A 98 -23.03 8.68 -15.34
N LYS A 99 -23.09 8.83 -16.67
CA LYS A 99 -24.33 8.69 -17.40
C LYS A 99 -24.39 7.35 -18.12
N VAL A 100 -25.59 6.81 -18.27
CA VAL A 100 -25.81 5.65 -19.12
C VAL A 100 -25.89 6.16 -20.55
N THR A 101 -25.30 5.41 -21.48
CA THR A 101 -25.30 5.76 -22.90
C THR A 101 -25.36 4.51 -23.75
N GLN A 102 -25.54 4.71 -25.06
CA GLN A 102 -25.49 3.62 -26.04
C GLN A 102 -24.28 2.70 -25.87
N LEU A 103 -23.14 3.29 -25.48
CA LEU A 103 -21.88 2.54 -25.36
C LEU A 103 -21.73 1.69 -24.10
N THR A 104 -22.52 1.94 -23.06
CA THR A 104 -22.32 1.27 -21.77
C THR A 104 -22.74 -0.20 -21.79
N ASP A 105 -22.00 -1.03 -21.06
CA ASP A 105 -22.33 -2.45 -20.93
C ASP A 105 -23.51 -2.61 -19.95
N PRO A 106 -24.62 -3.23 -20.40
CA PRO A 106 -25.82 -3.42 -19.58
C PRO A 106 -25.62 -4.02 -18.18
N ALA A 107 -24.55 -4.80 -17.99
CA ALA A 107 -24.20 -5.32 -16.67
C ALA A 107 -23.87 -4.20 -15.68
N GLU A 108 -23.30 -3.11 -16.19
CA GLU A 108 -22.90 -1.96 -15.36
C GLU A 108 -24.01 -0.92 -15.15
N ILE A 109 -25.08 -1.00 -15.94
CA ILE A 109 -26.16 -0.01 -15.92
C ILE A 109 -26.81 0.12 -14.54
N GLU A 110 -27.03 -1.01 -13.88
CA GLU A 110 -27.63 -1.03 -12.54
C GLU A 110 -26.73 -0.28 -11.56
N LYS A 111 -25.42 -0.52 -11.65
CA LYS A 111 -24.44 0.12 -10.77
C LYS A 111 -24.32 1.63 -11.02
N ILE A 112 -24.30 2.03 -12.29
CA ILE A 112 -24.18 3.45 -12.66
C ILE A 112 -25.37 4.25 -12.16
N ARG A 113 -26.58 3.72 -12.36
CA ARG A 113 -27.81 4.38 -11.91
C ARG A 113 -27.86 4.54 -10.39
N SER A 114 -27.36 3.54 -9.67
CA SER A 114 -27.39 3.54 -8.21
C SER A 114 -26.14 4.18 -7.58
N ALA A 115 -25.16 4.54 -8.40
CA ALA A 115 -23.90 5.11 -7.90
C ALA A 115 -24.11 6.49 -7.27
N ALA A 116 -23.41 6.72 -6.15
CA ALA A 116 -23.52 7.96 -5.41
C ALA A 116 -22.16 8.65 -5.37
N PRO A 117 -21.99 9.75 -6.13
CA PRO A 117 -20.67 10.41 -6.12
C PRO A 117 -20.36 11.13 -4.80
N ASP A 118 -19.07 11.23 -4.48
CA ASP A 118 -18.62 11.90 -3.26
C ASP A 118 -19.18 13.32 -3.18
N ILE A 119 -19.70 13.70 -2.02
CA ILE A 119 -20.29 15.03 -1.84
C ILE A 119 -19.19 15.99 -1.40
N LYS A 120 -18.41 16.46 -2.37
CA LYS A 120 -17.26 17.31 -2.10
C LYS A 120 -16.91 18.16 -3.32
N GLU A 121 -16.16 19.23 -3.10
CA GLU A 121 -15.53 19.95 -4.20
C GLU A 121 -14.11 20.30 -3.78
N SER A 122 -13.25 20.51 -4.77
CA SER A 122 -11.85 20.76 -4.50
C SER A 122 -11.24 21.76 -5.47
N TYR A 123 -10.18 22.42 -5.03
CA TYR A 123 -9.40 23.31 -5.86
C TYR A 123 -7.92 23.07 -5.56
N GLU A 124 -7.18 22.72 -6.60
CA GLU A 124 -5.78 22.32 -6.45
C GLU A 124 -4.79 23.33 -7.05
N ILE A 125 -3.76 23.62 -6.25
CA ILE A 125 -2.74 24.61 -6.58
C ILE A 125 -1.39 23.91 -6.54
N GLY A 126 -0.60 24.06 -7.60
CA GLY A 126 0.77 23.54 -7.65
C GLY A 126 1.75 24.67 -7.46
N ARG A 127 3.05 24.38 -7.52
CA ARG A 127 4.04 25.46 -7.43
C ARG A 127 3.93 26.37 -8.64
N GLU A 128 4.07 27.67 -8.39
CA GLU A 128 3.83 28.71 -9.39
C GLU A 128 4.68 28.60 -10.65
N ASP A 129 5.94 28.20 -10.48
CA ASP A 129 6.93 28.34 -11.55
C ASP A 129 7.30 27.01 -12.21
N GLU A 130 6.39 26.04 -12.19
CA GLU A 130 6.62 24.79 -12.90
C GLU A 130 6.43 25.03 -14.39
N PRO A 131 7.48 24.79 -15.20
CA PRO A 131 7.38 24.95 -16.65
C PRO A 131 6.19 24.19 -17.23
N GLY A 132 5.38 24.89 -18.03
CA GLY A 132 4.29 24.27 -18.79
C GLY A 132 3.00 24.00 -18.04
N HIS A 133 2.96 24.27 -16.74
CA HIS A 133 1.79 23.97 -15.92
C HIS A 133 1.39 25.14 -15.02
N PRO A 134 0.86 26.22 -15.61
CA PRO A 134 0.44 27.37 -14.80
C PRO A 134 -0.80 27.10 -13.95
N ASN A 135 -0.87 27.70 -12.77
CA ASN A 135 -2.05 27.59 -11.92
C ASN A 135 -3.20 28.42 -12.47
N PRO A 136 -4.41 27.82 -12.58
CA PRO A 136 -5.57 28.59 -13.05
C PRO A 136 -6.20 29.40 -11.92
N TRP A 137 -5.62 30.55 -11.60
CA TRP A 137 -6.11 31.39 -10.50
C TRP A 137 -7.40 32.09 -10.92
N PRO A 138 -8.35 32.24 -9.97
CA PRO A 138 -9.57 32.99 -10.28
C PRO A 138 -9.31 34.48 -10.23
N ALA A 139 -10.21 35.27 -10.79
CA ALA A 139 -10.06 36.72 -10.81
C ALA A 139 -10.14 37.30 -9.39
N GLU A 140 -9.27 38.26 -9.11
CA GLU A 140 -9.16 38.87 -7.79
C GLU A 140 -10.09 40.08 -7.67
N GLN A 141 -11.34 39.83 -7.27
CA GLN A 141 -12.29 40.90 -6.98
C GLN A 141 -13.12 40.57 -5.73
N ASP A 142 -13.60 41.60 -5.06
CA ASP A 142 -14.44 41.46 -3.87
C ASP A 142 -13.68 40.52 -2.91
N ASP A 143 -14.36 39.48 -2.40
CA ASP A 143 -13.81 38.65 -1.33
C ASP A 143 -12.55 37.86 -1.70
N LEU A 144 -12.27 37.72 -2.99
CA LEU A 144 -11.09 36.97 -3.44
C LEU A 144 -9.83 37.82 -3.62
N VAL A 145 -9.88 39.10 -3.24
CA VAL A 145 -8.68 39.92 -3.23
C VAL A 145 -7.78 39.38 -2.12
N GLY A 146 -6.58 38.95 -2.50
CA GLY A 146 -5.63 38.35 -1.57
C GLY A 146 -5.59 36.83 -1.64
N PHE A 147 -6.48 36.24 -2.44
CA PHE A 147 -6.56 34.78 -2.56
C PHE A 147 -5.24 34.16 -3.00
N LYS A 148 -4.66 34.67 -4.08
CA LYS A 148 -3.42 34.11 -4.61
C LYS A 148 -2.26 34.24 -3.62
N SER A 149 -2.08 35.45 -3.08
CA SER A 149 -0.96 35.72 -2.18
C SER A 149 -1.04 34.88 -0.90
N THR A 150 -2.26 34.69 -0.41
CA THR A 150 -2.48 33.84 0.76
C THR A 150 -2.09 32.39 0.47
N MET A 151 -2.59 31.84 -0.63
CA MET A 151 -2.36 30.44 -0.97
C MET A 151 -0.92 30.14 -1.37
N ASN A 152 -0.26 31.06 -2.06
CA ASN A 152 1.15 30.90 -2.38
C ASN A 152 2.03 30.94 -1.13
N ASN A 153 1.70 31.84 -0.21
CA ASN A 153 2.36 31.90 1.10
C ASN A 153 2.19 30.58 1.84
N PHE A 154 0.94 30.11 1.91
CA PHE A 154 0.66 28.84 2.57
C PHE A 154 1.39 27.67 1.90
N PHE A 155 1.39 27.65 0.56
CA PHE A 155 2.10 26.62 -0.20
C PHE A 155 3.57 26.52 0.22
N ASP A 156 4.25 27.66 0.30
CA ASP A 156 5.68 27.70 0.65
C ASP A 156 5.96 27.33 2.11
N GLN A 157 5.05 27.68 3.02
CA GLN A 157 5.18 27.28 4.41
C GLN A 157 4.97 25.77 4.61
N CYS A 158 4.04 25.18 3.86
CA CYS A 158 3.85 23.73 3.87
C CYS A 158 5.01 23.01 3.20
N LYS A 159 5.55 23.62 2.15
CA LYS A 159 6.75 23.12 1.47
C LYS A 159 7.91 23.04 2.46
N ALA A 160 8.05 24.08 3.29
CA ALA A 160 9.09 24.10 4.33
C ALA A 160 8.84 23.02 5.39
N LEU A 161 7.58 22.82 5.80
CA LEU A 161 7.25 21.77 6.77
C LEU A 161 7.53 20.36 6.23
N HIS A 162 7.25 20.15 4.94
CA HIS A 162 7.60 18.88 4.29
C HIS A 162 9.08 18.56 4.47
N ILE A 163 9.93 19.53 4.17
CA ILE A 163 11.37 19.36 4.28
C ILE A 163 11.74 18.96 5.71
N GLU A 164 11.12 19.60 6.71
CA GLU A 164 11.44 19.33 8.12
C GLU A 164 10.94 17.96 8.58
N VAL A 165 9.76 17.56 8.13
CA VAL A 165 9.25 16.23 8.47
C VAL A 165 10.13 15.12 7.89
N MET A 166 10.60 15.30 6.66
CA MET A 166 11.52 14.34 6.04
C MET A 166 12.85 14.29 6.80
N ARG A 167 13.32 15.45 7.28
CA ARG A 167 14.50 15.51 8.13
C ARG A 167 14.30 14.70 9.42
N ALA A 168 13.12 14.82 10.03
CA ALA A 168 12.79 14.01 11.22
C ALA A 168 12.81 12.53 10.91
N ILE A 169 12.26 12.15 9.76
CA ILE A 169 12.32 10.76 9.32
C ILE A 169 13.77 10.28 9.18
N ALA A 170 14.61 11.10 8.56
CA ALA A 170 16.02 10.75 8.35
C ALA A 170 16.76 10.60 9.68
N VAL A 171 16.54 11.56 10.58
CA VAL A 171 17.16 11.51 11.90
C VAL A 171 16.68 10.28 12.66
N GLY A 172 15.40 9.97 12.54
CA GLY A 172 14.83 8.77 13.17
C GLY A 172 15.45 7.49 12.64
N MET A 173 15.73 7.47 11.33
CA MET A 173 16.36 6.33 10.65
C MET A 173 17.85 6.21 10.98
N GLY A 174 18.45 7.28 11.47
CA GLY A 174 19.89 7.29 11.75
C GLY A 174 20.75 7.49 10.51
N ILE A 175 20.15 8.00 9.43
CA ILE A 175 20.89 8.33 8.23
C ILE A 175 21.22 9.83 8.27
N ASP A 176 21.93 10.32 7.26
CA ASP A 176 22.26 11.74 7.20
C ASP A 176 20.97 12.55 7.36
N ALA A 177 20.98 13.50 8.29
CA ALA A 177 19.79 14.30 8.59
C ALA A 177 19.21 15.00 7.36
N ASN A 178 20.06 15.34 6.40
CA ASN A 178 19.64 16.07 5.20
C ASN A 178 19.53 15.17 3.97
N TYR A 179 19.40 13.85 4.18
CA TYR A 179 19.32 12.89 3.08
C TYR A 179 18.22 13.23 2.07
N PHE A 180 17.05 13.62 2.56
CA PHE A 180 15.91 13.85 1.66
C PHE A 180 15.91 15.22 0.97
N ASP A 181 16.73 16.16 1.44
CA ASP A 181 16.70 17.53 0.93
C ASP A 181 16.77 17.59 -0.61
N SER A 182 17.70 16.87 -1.19
CA SER A 182 17.91 16.90 -2.64
C SER A 182 16.82 16.17 -3.42
N PHE A 183 16.03 15.36 -2.72
CA PHE A 183 14.90 14.65 -3.32
C PHE A 183 13.59 15.43 -3.23
N VAL A 184 13.52 16.45 -2.38
CA VAL A 184 12.26 17.18 -2.13
C VAL A 184 12.36 18.71 -2.25
N ASP A 185 13.53 19.25 -2.57
CA ASP A 185 13.73 20.71 -2.51
C ASP A 185 13.02 21.54 -3.60
N VAL A 186 12.58 20.90 -4.67
CA VAL A 186 11.89 21.61 -5.75
C VAL A 186 10.47 22.05 -5.35
N GLY A 187 9.83 21.26 -4.48
CA GLY A 187 8.49 21.60 -4.01
C GLY A 187 7.43 21.28 -5.05
N ASP A 188 7.54 20.11 -5.67
CA ASP A 188 6.56 19.63 -6.65
C ASP A 188 5.33 19.08 -5.93
N ASN A 189 4.71 19.94 -5.14
CA ASN A 189 3.63 19.56 -4.24
C ASN A 189 2.29 20.09 -4.76
N ILE A 190 1.20 19.56 -4.22
CA ILE A 190 -0.14 20.00 -4.60
C ILE A 190 -0.92 20.42 -3.36
N LEU A 191 -1.39 21.66 -3.37
CA LEU A 191 -2.22 22.20 -2.31
C LEU A 191 -3.68 22.00 -2.70
N ARG A 192 -4.34 21.05 -2.04
CA ARG A 192 -5.74 20.73 -2.32
C ARG A 192 -6.66 21.34 -1.26
N LEU A 193 -7.39 22.37 -1.66
CA LEU A 193 -8.45 22.95 -0.84
C LEU A 193 -9.70 22.09 -1.01
N LEU A 194 -10.33 21.72 0.10
CA LEU A 194 -11.52 20.86 0.08
C LEU A 194 -12.69 21.51 0.80
N HIS A 195 -13.86 21.41 0.18
CA HIS A 195 -15.10 21.84 0.79
C HIS A 195 -16.13 20.72 0.62
N TYR A 196 -16.64 20.24 1.75
CA TYR A 196 -17.68 19.23 1.75
C TYR A 196 -18.98 19.94 2.14
N PRO A 197 -19.87 20.20 1.15
CA PRO A 197 -21.07 20.99 1.45
C PRO A 197 -21.95 20.43 2.57
N ALA A 198 -22.68 21.32 3.22
CA ALA A 198 -23.68 20.91 4.20
C ALA A 198 -24.58 19.89 3.54
N VAL A 199 -24.89 18.81 4.25
CA VAL A 199 -25.70 17.73 3.69
C VAL A 199 -26.61 17.15 4.77
N LYS A 200 -27.84 16.84 4.40
CA LYS A 200 -28.79 16.18 5.29
C LYS A 200 -28.32 14.76 5.55
N SER A 201 -28.43 14.31 6.80
CA SER A 201 -28.03 12.95 7.14
C SER A 201 -28.85 11.90 6.39
N GLU A 202 -30.08 12.23 6.02
CA GLU A 202 -30.95 11.30 5.29
C GLU A 202 -30.41 10.96 3.89
N VAL A 203 -29.64 11.87 3.30
CA VAL A 203 -28.99 11.62 2.01
C VAL A 203 -28.17 10.32 2.07
N PHE A 204 -27.50 10.09 3.19
CA PHE A 204 -26.69 8.90 3.39
C PHE A 204 -27.51 7.61 3.54
N LYS A 205 -28.80 7.75 3.85
CA LYS A 205 -29.74 6.61 3.87
C LYS A 205 -30.41 6.41 2.51
N ILE A 206 -30.78 7.51 1.86
CA ILE A 206 -31.35 7.46 0.51
C ILE A 206 -30.33 6.85 -0.46
N ASN A 207 -29.07 7.25 -0.32
CA ASN A 207 -27.98 6.71 -1.12
C ASN A 207 -27.06 5.84 -0.25
N PRO A 208 -27.40 4.54 -0.11
CA PRO A 208 -26.50 3.70 0.69
C PRO A 208 -25.13 3.54 0.02
N GLY A 209 -24.06 3.61 0.82
CA GLY A 209 -22.70 3.64 0.30
C GLY A 209 -22.16 5.04 0.07
N GLN A 210 -23.02 6.05 0.22
CA GLN A 210 -22.66 7.45 0.06
C GLN A 210 -21.59 7.88 1.06
N VAL A 211 -20.53 8.53 0.58
CA VAL A 211 -19.52 9.11 1.48
C VAL A 211 -19.15 10.54 1.07
N ARG A 212 -18.34 11.20 1.90
CA ARG A 212 -17.82 12.53 1.59
C ARG A 212 -16.53 12.42 0.77
N ALA A 213 -15.67 11.46 1.14
CA ALA A 213 -14.49 11.12 0.34
C ALA A 213 -14.26 9.61 0.36
N GLY A 214 -14.22 9.00 -0.82
CA GLY A 214 -14.03 7.55 -0.95
C GLY A 214 -12.71 7.06 -0.39
N GLU A 215 -12.70 5.82 0.09
CA GLU A 215 -11.49 5.22 0.63
C GLU A 215 -10.37 5.18 -0.42
N HIS A 216 -9.16 5.45 0.04
CA HIS A 216 -8.01 5.51 -0.85
C HIS A 216 -6.72 5.56 -0.04
N THR A 217 -5.60 5.41 -0.74
CA THR A 217 -4.29 5.77 -0.21
C THR A 217 -3.80 7.00 -0.95
N ASP A 218 -3.01 7.84 -0.28
CA ASP A 218 -2.37 8.97 -0.92
C ASP A 218 -1.16 8.49 -1.72
N TYR A 219 -0.74 9.28 -2.70
CA TYR A 219 0.22 8.82 -3.71
C TYR A 219 1.69 9.14 -3.41
N GLY A 220 1.93 10.25 -2.72
CA GLY A 220 3.28 10.86 -2.66
C GLY A 220 4.14 10.44 -1.48
N SER A 221 4.94 11.39 -0.98
CA SER A 221 5.83 11.15 0.15
C SER A 221 5.04 11.24 1.45
N ILE A 222 4.53 12.44 1.75
CA ILE A 222 3.61 12.64 2.86
C ILE A 222 2.47 13.60 2.46
N THR A 223 1.43 13.59 3.27
CA THR A 223 0.34 14.54 3.12
C THR A 223 0.19 15.27 4.44
N LEU A 224 0.07 16.59 4.35
CA LEU A 224 -0.22 17.42 5.52
C LEU A 224 -1.70 17.74 5.43
N LEU A 225 -2.48 17.18 6.35
CA LEU A 225 -3.93 17.36 6.35
C LEU A 225 -4.37 18.26 7.50
N PHE A 226 -4.88 19.43 7.14
CA PHE A 226 -5.43 20.37 8.09
C PHE A 226 -6.96 20.22 8.03
N GLN A 227 -7.56 19.82 9.15
CA GLN A 227 -9.02 19.64 9.19
C GLN A 227 -9.63 20.58 10.23
N ASP A 228 -10.87 21.00 9.96
CA ASP A 228 -11.65 21.75 10.94
C ASP A 228 -12.18 20.78 12.01
N SER A 229 -13.14 21.22 12.82
CA SER A 229 -13.60 20.44 13.97
C SER A 229 -14.82 19.56 13.70
N ARG A 230 -15.25 19.45 12.44
CA ARG A 230 -16.48 18.71 12.10
C ARG A 230 -16.37 17.20 12.31
N GLY A 231 -15.21 16.63 11.97
CA GLY A 231 -15.01 15.19 12.03
C GLY A 231 -15.46 14.50 10.75
N GLY A 232 -15.22 13.19 10.68
CA GLY A 232 -15.58 12.40 9.51
C GLY A 232 -14.41 11.61 8.92
N LEU A 233 -13.19 12.10 9.15
CA LEU A 233 -11.99 11.40 8.68
C LEU A 233 -11.80 10.10 9.45
N GLN A 234 -11.52 9.02 8.71
CA GLN A 234 -11.33 7.70 9.30
C GLN A 234 -10.10 7.04 8.70
N VAL A 235 -9.37 6.32 9.54
CA VAL A 235 -8.15 5.65 9.14
C VAL A 235 -8.34 4.16 9.42
N LYS A 236 -7.93 3.32 8.47
CA LYS A 236 -8.12 1.88 8.60
C LYS A 236 -7.12 1.29 9.60
N SER A 237 -7.64 0.53 10.56
CA SER A 237 -6.81 -0.12 11.58
C SER A 237 -6.14 -1.37 11.01
N PRO A 238 -5.11 -1.88 11.72
CA PRO A 238 -4.49 -3.15 11.30
C PRO A 238 -5.42 -4.36 11.35
N ASN A 239 -6.53 -4.25 12.06
CA ASN A 239 -7.56 -5.30 12.07
C ASN A 239 -8.62 -5.10 10.99
N GLY A 240 -8.49 -4.05 10.19
CA GLY A 240 -9.33 -3.86 9.01
C GLY A 240 -10.59 -3.05 9.23
N GLN A 241 -10.65 -2.28 10.33
CA GLN A 241 -11.81 -1.46 10.65
C GLN A 241 -11.45 0.01 10.56
N PHE A 242 -12.38 0.80 10.02
CA PHE A 242 -12.18 2.25 9.94
C PHE A 242 -12.41 2.89 11.31
N ILE A 243 -11.42 3.64 11.76
CA ILE A 243 -11.43 4.29 13.07
C ILE A 243 -11.46 5.80 12.87
N ASP A 244 -12.27 6.48 13.68
CA ASP A 244 -12.38 7.94 13.62
C ASP A 244 -11.06 8.63 13.98
N ALA A 245 -10.60 9.50 13.09
CA ALA A 245 -9.45 10.35 13.38
C ALA A 245 -9.99 11.66 13.93
N THR A 246 -10.21 11.66 15.26
CA THR A 246 -10.80 12.79 15.96
C THR A 246 -10.01 14.08 15.70
N PRO A 247 -10.71 15.18 15.36
CA PRO A 247 -10.02 16.47 15.24
C PRO A 247 -9.46 16.93 16.58
N ILE A 248 -8.22 17.41 16.58
CA ILE A 248 -7.60 18.03 17.75
C ILE A 248 -7.20 19.45 17.35
N GLU A 249 -7.62 20.43 18.14
CA GLU A 249 -7.38 21.84 17.80
C GLU A 249 -5.90 22.13 17.56
N ASN A 250 -5.63 22.88 16.51
CA ASN A 250 -4.28 23.28 16.11
C ASN A 250 -3.28 22.12 15.95
N THR A 251 -3.76 21.02 15.40
CA THR A 251 -2.87 19.94 14.98
C THR A 251 -2.93 19.81 13.47
N VAL A 252 -1.91 19.17 12.91
CA VAL A 252 -1.94 18.74 11.52
C VAL A 252 -1.81 17.23 11.51
N VAL A 253 -2.67 16.58 10.74
CA VAL A 253 -2.60 15.15 10.58
C VAL A 253 -1.65 14.89 9.42
N VAL A 254 -0.62 14.08 9.67
CA VAL A 254 0.38 13.78 8.65
C VAL A 254 0.38 12.29 8.38
N ASN A 255 0.27 11.93 7.11
CA ASN A 255 0.33 10.53 6.71
C ASN A 255 1.28 10.30 5.55
N ALA A 256 1.93 9.15 5.55
CA ALA A 256 2.82 8.77 4.47
C ALA A 256 1.99 8.33 3.26
N GLY A 257 2.48 8.63 2.06
CA GLY A 257 1.85 8.19 0.83
C GLY A 257 2.53 6.96 0.22
N ASP A 258 1.97 6.49 -0.88
CA ASP A 258 2.42 5.24 -1.49
C ASP A 258 3.84 5.28 -1.99
N LEU A 259 4.30 6.45 -2.45
CA LEU A 259 5.66 6.57 -2.95
C LEU A 259 6.66 6.43 -1.78
N LEU A 260 6.36 7.03 -0.64
CA LEU A 260 7.24 6.86 0.54
C LEU A 260 7.24 5.42 1.06
N ALA A 261 6.07 4.80 1.08
CA ALA A 261 5.96 3.38 1.44
C ALA A 261 6.93 2.54 0.60
N ARG A 262 6.84 2.73 -0.71
CA ARG A 262 7.69 2.05 -1.68
C ARG A 262 9.17 2.41 -1.51
N TRP A 263 9.43 3.71 -1.40
CA TRP A 263 10.79 4.27 -1.18
C TRP A 263 11.46 3.67 0.07
N SER A 264 10.67 3.45 1.10
CA SER A 264 11.13 2.91 2.38
C SER A 264 11.20 1.38 2.41
N ASN A 265 10.94 0.75 1.26
CA ASN A 265 10.88 -0.70 1.16
C ASN A 265 9.82 -1.31 2.08
N ASP A 266 8.68 -0.61 2.17
CA ASP A 266 7.56 -0.96 3.06
C ASP A 266 7.90 -0.99 4.56
N THR A 267 8.94 -0.28 4.99
CA THR A 267 9.16 -0.11 6.42
C THR A 267 8.23 0.99 6.95
N ILE A 268 7.85 1.92 6.07
CA ILE A 268 6.86 2.94 6.37
C ILE A 268 5.53 2.57 5.70
N LYS A 269 4.42 2.78 6.41
CA LYS A 269 3.10 2.38 5.95
C LYS A 269 2.35 3.53 5.28
N SER A 270 1.64 3.22 4.20
CA SER A 270 0.68 4.13 3.59
C SER A 270 -0.70 3.55 3.83
N THR A 271 -1.50 4.23 4.63
CA THR A 271 -2.70 3.63 5.22
C THR A 271 -3.98 4.16 4.56
N VAL A 272 -4.94 3.26 4.38
CA VAL A 272 -6.21 3.58 3.74
C VAL A 272 -7.01 4.48 4.67
N HIS A 273 -7.61 5.52 4.09
CA HIS A 273 -8.45 6.45 4.84
C HIS A 273 -9.58 6.97 3.97
N ARG A 274 -10.58 7.57 4.61
CA ARG A 274 -11.78 8.05 3.93
C ARG A 274 -12.42 9.15 4.77
N VAL A 275 -13.44 9.79 4.22
CA VAL A 275 -14.25 10.73 4.98
C VAL A 275 -15.72 10.33 4.85
N VAL A 276 -16.37 10.12 5.99
CA VAL A 276 -17.78 9.73 6.04
C VAL A 276 -18.55 10.76 6.84
N GLU A 277 -19.80 10.45 7.18
CA GLU A 277 -20.58 11.27 8.10
C GLU A 277 -19.80 11.52 9.38
N PRO A 278 -19.94 12.73 9.95
CA PRO A 278 -19.39 12.95 11.28
C PRO A 278 -20.06 12.02 12.30
N PRO A 279 -19.32 11.58 13.33
CA PRO A 279 -19.86 10.58 14.27
C PRO A 279 -21.00 11.05 15.20
N LYS A 280 -21.50 12.27 15.03
CA LYS A 280 -22.59 12.79 15.85
C LYS A 280 -23.93 12.71 15.11
N GLN A 281 -25.00 12.43 15.87
CA GLN A 281 -26.35 12.42 15.31
C GLN A 281 -26.86 13.85 15.14
N GLU A 282 -27.33 14.15 13.94
CA GLU A 282 -27.94 15.45 13.64
C GLU A 282 -28.70 15.35 12.32
N ASP A 283 -29.73 16.18 12.16
CA ASP A 283 -30.52 16.18 10.94
C ASP A 283 -29.70 16.70 9.75
N VAL A 284 -28.90 17.74 9.98
CA VAL A 284 -28.09 18.36 8.95
C VAL A 284 -26.63 18.42 9.40
N HIS A 285 -25.74 17.91 8.55
CA HIS A 285 -24.31 18.04 8.79
C HIS A 285 -23.84 19.36 8.20
N PRO A 286 -23.24 20.24 9.01
CA PRO A 286 -22.78 21.52 8.45
C PRO A 286 -21.64 21.34 7.44
N PRO A 287 -21.26 22.43 6.75
CA PRO A 287 -20.13 22.32 5.81
C PRO A 287 -18.84 21.91 6.52
N ARG A 288 -18.06 21.03 5.88
CA ARG A 288 -16.75 20.66 6.39
C ARG A 288 -15.66 21.19 5.44
N TYR A 289 -14.66 21.83 6.03
CA TYR A 289 -13.50 22.31 5.28
C TYR A 289 -12.26 21.57 5.73
N SER A 290 -11.46 21.14 4.75
CA SER A 290 -10.13 20.65 5.03
C SER A 290 -9.19 21.10 3.93
N ILE A 291 -7.90 20.99 4.22
CA ILE A 291 -6.86 21.31 3.26
C ILE A 291 -5.87 20.16 3.28
N ALA A 292 -5.71 19.49 2.13
CA ALA A 292 -4.71 18.45 1.97
C ALA A 292 -3.55 18.99 1.16
N TYR A 293 -2.38 19.06 1.78
CA TYR A 293 -1.18 19.43 1.08
C TYR A 293 -0.39 18.17 0.74
N PHE A 294 -0.49 17.73 -0.52
CA PHE A 294 0.18 16.53 -0.98
C PHE A 294 1.64 16.84 -1.26
N CYS A 295 2.53 16.23 -0.49
CA CYS A 295 3.95 16.37 -0.71
C CYS A 295 4.47 15.24 -1.59
N ASN A 296 5.35 15.59 -2.52
CA ASN A 296 5.94 14.63 -3.44
C ASN A 296 7.45 14.80 -3.52
N PRO A 297 8.17 13.71 -3.83
CA PRO A 297 9.56 13.91 -4.24
C PRO A 297 9.58 14.77 -5.50
N ASN A 298 10.73 15.38 -5.79
CA ASN A 298 10.91 16.11 -7.03
C ASN A 298 10.50 15.20 -8.18
N HIS A 299 9.77 15.72 -9.17
CA HIS A 299 9.29 14.90 -10.27
C HIS A 299 10.44 14.20 -11.00
N LYS A 300 11.62 14.84 -11.02
CA LYS A 300 12.81 14.25 -11.64
C LYS A 300 13.45 13.10 -10.82
N SER A 301 13.03 12.94 -9.57
CA SER A 301 13.66 11.97 -8.66
C SER A 301 13.49 10.52 -9.07
N TYR A 302 14.56 9.75 -8.92
CA TYR A 302 14.52 8.30 -9.11
C TYR A 302 14.36 7.65 -7.75
N ILE A 303 13.27 6.91 -7.57
CA ILE A 303 12.90 6.35 -6.26
C ILE A 303 13.34 4.90 -6.14
N GLU A 304 14.32 4.65 -5.28
CA GLU A 304 14.76 3.29 -4.94
C GLU A 304 15.05 3.19 -3.45
N ALA A 305 15.09 1.96 -2.93
CA ALA A 305 15.15 1.72 -1.48
C ALA A 305 16.14 2.63 -0.73
N ILE A 306 15.63 3.28 0.32
CA ILE A 306 16.42 4.17 1.17
C ILE A 306 17.45 3.35 1.95
N PRO A 307 18.69 3.88 2.13
CA PRO A 307 19.67 3.11 2.91
C PRO A 307 19.21 2.85 4.34
N GLY A 308 19.42 1.62 4.81
CA GLY A 308 19.04 1.21 6.15
C GLY A 308 17.63 0.63 6.27
N THR A 309 16.93 0.49 5.14
CA THR A 309 15.60 -0.12 5.11
C THR A 309 15.62 -1.58 4.64
N TYR A 310 16.82 -2.13 4.46
CA TYR A 310 17.00 -3.53 4.07
C TYR A 310 18.44 -3.93 4.38
N ALA A 311 18.65 -5.22 4.64
CA ALA A 311 20.00 -5.75 4.87
C ALA A 311 20.57 -6.32 3.57
N ALA A 312 20.05 -7.47 3.14
CA ALA A 312 20.47 -8.08 1.88
C ALA A 312 19.66 -7.46 0.74
N GLU A 313 20.28 -7.41 -0.44
CA GLU A 313 19.64 -6.86 -1.64
C GLU A 313 18.36 -7.61 -2.02
N SER A 314 18.32 -8.90 -1.70
CA SER A 314 17.14 -9.74 -1.94
C SER A 314 15.89 -9.26 -1.19
N GLU A 315 16.09 -8.45 -0.15
CA GLU A 315 14.98 -7.88 0.62
C GLU A 315 14.29 -6.69 -0.04
N ARG A 316 14.90 -6.13 -1.08
CA ARG A 316 14.29 -5.04 -1.85
C ARG A 316 13.08 -5.52 -2.63
N LYS A 317 11.92 -4.96 -2.33
CA LYS A 317 10.67 -5.43 -2.91
C LYS A 317 10.34 -4.82 -4.28
N TYR A 318 10.94 -3.66 -4.59
CA TYR A 318 10.51 -2.86 -5.74
C TYR A 318 11.65 -2.42 -6.66
N GLU A 319 11.38 -2.43 -7.96
CA GLU A 319 12.26 -1.82 -8.95
C GLU A 319 12.24 -0.31 -8.78
N GLY A 320 13.33 0.35 -9.16
CA GLY A 320 13.38 1.81 -9.15
C GLY A 320 12.36 2.39 -10.11
N ILE A 321 11.81 3.55 -9.76
CA ILE A 321 10.89 4.27 -10.65
C ILE A 321 11.10 5.77 -10.57
N ASN A 322 10.78 6.45 -11.66
CA ASN A 322 10.76 7.91 -11.68
C ASN A 322 9.52 8.40 -10.94
N SER A 323 9.72 9.32 -10.01
CA SER A 323 8.65 9.86 -9.18
C SER A 323 7.52 10.49 -10.01
N GLY A 324 7.90 11.43 -10.88
CA GLY A 324 6.93 12.15 -11.72
C GLY A 324 6.05 11.22 -12.53
N LYS A 325 6.69 10.26 -13.20
CA LYS A 325 6.00 9.26 -14.01
C LYS A 325 4.99 8.43 -13.20
N TYR A 326 5.41 8.00 -12.01
CA TYR A 326 4.52 7.25 -11.12
C TYR A 326 3.26 8.05 -10.79
N LEU A 327 3.44 9.30 -10.40
CA LEU A 327 2.32 10.15 -9.99
C LEU A 327 1.30 10.34 -11.10
N VAL A 328 1.77 10.66 -12.31
CA VAL A 328 0.85 10.88 -13.44
C VAL A 328 0.06 9.61 -13.75
N GLN A 329 0.71 8.45 -13.63
CA GLN A 329 0.02 7.17 -13.81
C GLN A 329 -1.12 7.01 -12.79
N ARG A 330 -0.88 7.39 -11.54
CA ARG A 330 -1.92 7.32 -10.50
C ARG A 330 -3.04 8.34 -10.77
N LEU A 331 -2.65 9.56 -11.13
CA LEU A 331 -3.61 10.63 -11.41
C LEU A 331 -4.43 10.37 -12.67
N ALA A 332 -3.82 9.73 -13.66
CA ALA A 332 -4.46 9.50 -14.95
C ALA A 332 -5.37 8.25 -14.99
N ALA A 333 -5.15 7.32 -14.06
CA ALA A 333 -5.79 5.99 -14.12
C ALA A 333 -7.32 6.02 -14.25
N THR A 334 -7.99 6.76 -13.37
CA THR A 334 -9.44 6.86 -13.40
C THR A 334 -9.89 7.73 -14.57
N TYR A 335 -9.16 8.84 -14.79
CA TYR A 335 -9.24 9.73 -15.98
C TYR A 335 -9.71 11.13 -15.59
N MET B 3 -14.75 -21.83 15.80
CA MET B 3 -13.51 -21.00 15.69
C MET B 3 -12.55 -21.35 16.82
N GLU B 4 -11.28 -21.58 16.48
CA GLU B 4 -10.28 -21.98 17.47
C GLU B 4 -9.72 -20.77 18.20
N LYS B 5 -9.10 -21.02 19.35
CA LYS B 5 -8.26 -20.02 20.00
C LYS B 5 -7.05 -19.75 19.10
N ALA B 6 -6.64 -18.49 19.02
CA ALA B 6 -5.56 -18.07 18.13
C ALA B 6 -4.26 -18.82 18.40
N ALA B 7 -3.54 -19.14 17.33
CA ALA B 7 -2.21 -19.74 17.45
C ALA B 7 -1.23 -18.75 18.08
N VAL B 8 -1.39 -17.47 17.75
CA VAL B 8 -0.61 -16.39 18.34
C VAL B 8 -1.57 -15.24 18.63
N ASN B 9 -1.36 -14.57 19.77
CA ASN B 9 -2.17 -13.42 20.16
C ASN B 9 -1.35 -12.55 21.13
N GLU B 10 -0.55 -11.65 20.58
CA GLU B 10 0.42 -10.89 21.38
C GLU B 10 0.81 -9.58 20.69
N ASP B 11 0.83 -8.50 21.46
CA ASP B 11 1.24 -7.17 20.98
C ASP B 11 0.50 -6.74 19.69
N GLY B 12 -0.79 -7.06 19.62
CA GLY B 12 -1.61 -6.68 18.47
C GLY B 12 -1.47 -7.60 17.26
N LEU B 13 -0.62 -8.62 17.38
CA LEU B 13 -0.52 -9.66 16.34
C LEU B 13 -1.42 -10.84 16.71
N VAL B 14 -2.45 -11.08 15.91
CA VAL B 14 -3.31 -12.24 16.06
C VAL B 14 -3.16 -13.12 14.83
N ILE B 15 -2.64 -14.33 15.03
CA ILE B 15 -2.55 -15.32 13.97
C ILE B 15 -3.54 -16.43 14.29
N PRO B 16 -4.60 -16.54 13.47
CA PRO B 16 -5.66 -17.50 13.77
C PRO B 16 -5.23 -18.96 13.52
N LEU B 17 -5.85 -19.87 14.25
CA LEU B 17 -5.72 -21.31 14.00
C LEU B 17 -7.01 -21.76 13.34
N ILE B 18 -6.91 -22.26 12.10
CA ILE B 18 -8.08 -22.54 11.27
C ILE B 18 -8.10 -24.01 10.86
N ASP B 19 -9.27 -24.63 11.00
CA ASP B 19 -9.47 -26.02 10.59
C ASP B 19 -9.78 -26.04 9.09
N PHE B 20 -8.81 -26.48 8.30
CA PHE B 20 -8.93 -26.40 6.84
C PHE B 20 -9.93 -27.40 6.26
N SER B 21 -10.16 -28.51 6.95
CA SER B 21 -11.15 -29.50 6.53
C SER B 21 -12.57 -28.93 6.51
N LYS B 22 -12.80 -27.88 7.30
CA LYS B 22 -14.08 -27.17 7.30
C LYS B 22 -14.28 -26.34 6.03
N PHE B 23 -13.19 -25.96 5.37
CA PHE B 23 -13.27 -25.35 4.04
C PHE B 23 -13.44 -26.41 2.97
N LEU B 24 -12.71 -27.52 3.10
CA LEU B 24 -12.76 -28.57 2.09
C LEU B 24 -14.01 -29.47 2.16
N GLU B 25 -14.58 -29.66 3.36
CA GLU B 25 -15.63 -30.68 3.56
C GLU B 25 -16.94 -30.22 4.23
N GLY B 26 -16.99 -29.00 4.75
CA GLY B 26 -18.19 -28.54 5.47
C GLY B 26 -19.41 -28.31 4.58
N ASP B 27 -20.51 -27.85 5.17
CA ASP B 27 -21.61 -27.28 4.38
C ASP B 27 -21.18 -25.92 3.86
N GLU B 28 -21.91 -25.37 2.91
CA GLU B 28 -21.52 -24.11 2.25
C GLU B 28 -21.38 -22.93 3.23
N THR B 29 -22.23 -22.90 4.26
CA THR B 29 -22.16 -21.86 5.28
C THR B 29 -20.83 -21.92 6.03
N LEU B 30 -20.42 -23.13 6.40
CA LEU B 30 -19.17 -23.33 7.12
C LEU B 30 -17.95 -23.13 6.22
N LYS B 31 -18.07 -23.53 4.95
CA LYS B 31 -17.02 -23.30 3.97
C LYS B 31 -16.74 -21.80 3.79
N LEU B 32 -17.81 -21.02 3.72
CA LEU B 32 -17.70 -19.58 3.53
C LEU B 32 -17.14 -18.88 4.77
N GLU B 33 -17.56 -19.32 5.95
CA GLU B 33 -17.04 -18.78 7.21
C GLU B 33 -15.55 -19.06 7.35
N THR B 34 -15.13 -20.26 6.98
CA THR B 34 -13.73 -20.65 7.08
C THR B 34 -12.89 -19.88 6.08
N ALA B 35 -13.37 -19.75 4.85
CA ALA B 35 -12.69 -18.97 3.81
C ALA B 35 -12.51 -17.51 4.21
N LYS B 36 -13.54 -16.93 4.83
CA LYS B 36 -13.46 -15.54 5.28
C LYS B 36 -12.44 -15.36 6.41
N ALA B 37 -12.33 -16.36 7.28
CA ALA B 37 -11.35 -16.33 8.38
C ALA B 37 -9.94 -16.47 7.85
N ILE B 38 -9.76 -17.30 6.83
CA ILE B 38 -8.47 -17.46 6.16
C ILE B 38 -8.04 -16.13 5.54
N LEU B 39 -8.92 -15.52 4.75
CA LEU B 39 -8.62 -14.24 4.13
C LEU B 39 -8.35 -13.13 5.15
N HIS B 40 -9.21 -13.03 6.17
CA HIS B 40 -9.02 -12.02 7.22
C HIS B 40 -7.66 -12.16 7.89
N GLY B 41 -7.24 -13.40 8.14
CA GLY B 41 -5.88 -13.69 8.63
C GLY B 41 -4.81 -13.09 7.74
N PHE B 42 -4.91 -13.37 6.44
CA PHE B 42 -3.95 -12.85 5.47
C PHE B 42 -4.02 -11.31 5.34
N GLN B 43 -5.21 -10.74 5.47
CA GLN B 43 -5.39 -9.28 5.38
C GLN B 43 -4.88 -8.51 6.60
N THR B 44 -4.69 -9.20 7.73
CA THR B 44 -4.33 -8.53 8.97
C THR B 44 -2.92 -8.91 9.42
N ALA B 45 -2.72 -10.17 9.77
CA ALA B 45 -1.41 -10.64 10.24
C ALA B 45 -0.47 -11.04 9.10
N GLY B 46 -1.03 -11.48 7.98
CA GLY B 46 -0.25 -12.01 6.86
C GLY B 46 0.11 -13.47 7.06
N PHE B 47 -0.31 -14.01 8.20
CA PHE B 47 0.03 -15.36 8.66
C PHE B 47 -1.23 -16.03 9.21
N ILE B 48 -1.37 -17.32 8.94
CA ILE B 48 -2.37 -18.17 9.60
C ILE B 48 -1.74 -19.52 9.93
N TYR B 49 -2.35 -20.25 10.85
CA TYR B 49 -2.03 -21.67 11.08
C TYR B 49 -3.20 -22.50 10.57
N LEU B 50 -2.90 -23.54 9.79
CA LEU B 50 -3.92 -24.48 9.34
C LEU B 50 -3.73 -25.82 10.03
N LYS B 51 -4.83 -26.37 10.56
CA LYS B 51 -4.85 -27.71 11.11
C LYS B 51 -5.77 -28.59 10.26
N ASN B 52 -5.62 -29.90 10.37
CA ASN B 52 -6.38 -30.88 9.59
C ASN B 52 -6.31 -30.62 8.09
N ILE B 53 -5.09 -30.52 7.57
CA ILE B 53 -4.86 -30.38 6.14
C ILE B 53 -4.86 -31.77 5.48
N PRO B 54 -4.98 -31.81 4.13
CA PRO B 54 -5.02 -33.13 3.46
C PRO B 54 -3.72 -33.95 3.53
N ILE B 55 -2.61 -33.34 3.90
CA ILE B 55 -1.34 -34.05 4.03
C ILE B 55 -1.33 -34.81 5.34
N GLN B 56 -1.08 -36.13 5.28
CA GLN B 56 -1.18 -37.00 6.44
C GLN B 56 0.01 -36.85 7.38
N PRO B 57 -0.25 -36.86 8.70
CA PRO B 57 0.82 -36.75 9.71
C PRO B 57 1.94 -37.77 9.56
N ASP B 58 1.59 -39.03 9.32
CA ASP B 58 2.60 -40.09 9.22
C ASP B 58 3.51 -39.93 7.98
N PHE B 59 2.96 -39.44 6.88
CA PHE B 59 3.80 -39.13 5.71
C PHE B 59 4.66 -37.90 5.99
N ARG B 60 4.08 -36.89 6.61
CA ARG B 60 4.83 -35.70 7.02
C ARG B 60 6.03 -36.08 7.89
N GLU B 61 5.81 -36.98 8.84
CA GLU B 61 6.90 -37.51 9.67
C GLU B 61 7.96 -38.23 8.82
N HIS B 62 7.51 -39.02 7.84
CA HIS B 62 8.42 -39.70 6.92
C HIS B 62 9.25 -38.70 6.10
N VAL B 63 8.61 -37.63 5.65
CA VAL B 63 9.32 -36.58 4.90
C VAL B 63 10.40 -35.93 5.76
N PHE B 64 10.08 -35.61 7.02
CA PHE B 64 11.08 -35.02 7.94
C PHE B 64 12.25 -35.94 8.23
N ASN B 65 11.98 -37.23 8.39
CA ASN B 65 13.02 -38.23 8.58
C ASN B 65 13.91 -38.34 7.34
N THR B 66 13.27 -38.34 6.17
CA THR B 66 13.99 -38.40 4.90
C THR B 66 14.86 -37.15 4.72
N SER B 67 14.33 -36.00 5.10
CA SER B 67 15.11 -34.76 5.09
C SER B 67 16.35 -34.86 5.98
N ALA B 68 16.15 -35.39 7.19
CA ALA B 68 17.26 -35.56 8.14
C ALA B 68 18.36 -36.46 7.55
N LYS B 69 17.95 -37.53 6.87
CA LYS B 69 18.92 -38.43 6.24
C LYS B 69 19.76 -37.72 5.18
N PHE B 70 19.16 -36.77 4.45
CA PHE B 70 19.90 -36.02 3.44
C PHE B 70 21.00 -35.18 4.08
N PHE B 71 20.66 -34.44 5.13
CA PHE B 71 21.61 -33.52 5.73
C PHE B 71 22.71 -34.23 6.54
N LYS B 72 22.48 -35.49 6.86
CA LYS B 72 23.52 -36.34 7.46
C LYS B 72 24.58 -36.80 6.45
N LEU B 73 24.34 -36.59 5.15
CA LEU B 73 25.36 -36.86 4.13
C LEU B 73 26.67 -36.14 4.44
N PRO B 74 27.81 -36.72 4.01
CA PRO B 74 29.06 -35.98 4.13
C PRO B 74 29.05 -34.69 3.31
N LYS B 75 29.76 -33.68 3.81
CA LYS B 75 29.87 -32.37 3.18
C LYS B 75 30.11 -32.43 1.67
N GLU B 76 31.02 -33.32 1.26
CA GLU B 76 31.39 -33.47 -0.15
C GLU B 76 30.21 -33.89 -1.02
N LYS B 77 29.37 -34.78 -0.51
CA LYS B 77 28.21 -35.28 -1.27
C LYS B 77 27.15 -34.19 -1.46
N LYS B 78 26.97 -33.36 -0.44
CA LYS B 78 25.98 -32.27 -0.49
C LYS B 78 26.42 -31.14 -1.43
N LEU B 79 27.71 -30.81 -1.40
CA LEU B 79 28.26 -29.81 -2.30
C LEU B 79 28.21 -30.26 -3.76
N GLU B 80 28.19 -31.56 -4.00
CA GLU B 80 28.05 -32.12 -5.35
C GLU B 80 26.66 -31.88 -5.95
N VAL B 81 25.67 -31.60 -5.11
CA VAL B 81 24.32 -31.22 -5.56
C VAL B 81 24.04 -29.76 -5.23
N GLY B 82 25.06 -28.92 -5.38
CA GLY B 82 25.01 -27.53 -4.91
C GLY B 82 24.11 -26.62 -5.71
N TRP B 83 23.61 -25.58 -5.03
CA TRP B 83 22.78 -24.54 -5.63
C TRP B 83 23.61 -23.81 -6.69
N THR B 84 23.02 -23.52 -7.85
CA THR B 84 23.76 -22.91 -8.97
C THR B 84 23.35 -21.46 -9.26
N THR B 85 22.24 -21.28 -9.95
CA THR B 85 21.79 -19.96 -10.39
C THR B 85 20.44 -19.57 -9.77
N PRO B 86 20.12 -18.26 -9.75
CA PRO B 86 18.79 -17.83 -9.32
C PRO B 86 17.65 -18.30 -10.23
N GLU B 87 17.94 -18.51 -11.52
CA GLU B 87 16.92 -19.00 -12.46
C GLU B 87 16.58 -20.47 -12.20
N ALA B 88 17.56 -21.24 -11.71
CA ALA B 88 17.33 -22.64 -11.37
C ALA B 88 16.68 -22.75 -9.99
N ASN B 89 17.28 -22.07 -9.00
CA ASN B 89 16.80 -22.06 -7.63
C ASN B 89 16.64 -23.48 -7.06
N ARG B 90 17.58 -24.37 -7.39
CA ARG B 90 17.54 -25.76 -6.98
C ARG B 90 18.92 -26.21 -6.51
N GLY B 91 18.93 -27.07 -5.50
CA GLY B 91 20.17 -27.65 -5.00
C GLY B 91 20.52 -27.25 -3.58
N TYR B 92 21.72 -27.61 -3.16
CA TYR B 92 22.13 -27.50 -1.78
C TYR B 92 22.87 -26.19 -1.49
N SER B 93 22.59 -25.59 -0.34
CA SER B 93 23.29 -24.38 0.11
C SER B 93 23.78 -24.58 1.55
N ALA B 94 25.04 -24.22 1.79
CA ALA B 94 25.68 -24.38 3.10
C ALA B 94 25.91 -23.01 3.74
N PRO B 95 26.17 -22.98 5.07
CA PRO B 95 26.47 -21.69 5.71
C PRO B 95 27.82 -21.13 5.26
N PRO B 117 26.66 -15.02 8.90
CA PRO B 117 25.55 -15.56 8.13
C PRO B 117 24.64 -16.47 8.94
N ASP B 118 23.52 -16.87 8.35
CA ASP B 118 22.54 -17.73 9.01
C ASP B 118 23.13 -19.11 9.34
N ILE B 119 22.86 -19.60 10.54
CA ILE B 119 23.36 -20.91 10.98
C ILE B 119 22.39 -21.99 10.49
N LYS B 120 22.48 -22.29 9.20
CA LYS B 120 21.55 -23.22 8.57
C LYS B 120 22.12 -23.76 7.27
N GLU B 121 21.58 -24.90 6.85
CA GLU B 121 21.79 -25.42 5.51
C GLU B 121 20.42 -25.73 4.89
N SER B 122 20.37 -25.71 3.57
CA SER B 122 19.12 -25.97 2.87
C SER B 122 19.34 -26.78 1.60
N TYR B 123 18.26 -27.42 1.14
CA TYR B 123 18.23 -28.13 -0.13
C TYR B 123 16.90 -27.83 -0.80
N GLU B 124 16.97 -27.35 -2.04
CA GLU B 124 15.79 -26.88 -2.74
C GLU B 124 15.44 -27.72 -3.96
N ILE B 125 14.15 -28.02 -4.08
CA ILE B 125 13.61 -28.90 -5.11
C ILE B 125 12.48 -28.16 -5.83
N GLY B 126 12.50 -28.22 -7.16
CA GLY B 126 11.43 -27.65 -7.99
C GLY B 126 10.68 -28.74 -8.72
N ARG B 127 9.79 -28.35 -9.63
CA ARG B 127 9.07 -29.34 -10.45
C ARG B 127 10.06 -30.04 -11.39
N GLU B 128 9.74 -31.28 -11.75
CA GLU B 128 10.67 -32.16 -12.47
C GLU B 128 10.81 -31.87 -13.97
N ASP B 129 9.79 -31.26 -14.57
CA ASP B 129 9.73 -31.15 -16.04
C ASP B 129 10.08 -29.75 -16.57
N GLU B 130 10.89 -28.99 -15.83
CA GLU B 130 11.24 -27.63 -16.22
C GLU B 130 12.47 -27.59 -17.13
N PRO B 131 12.29 -27.16 -18.40
CA PRO B 131 13.41 -27.18 -19.35
C PRO B 131 14.59 -26.31 -18.92
N GLY B 132 15.78 -26.89 -18.89
CA GLY B 132 17.00 -26.17 -18.50
C GLY B 132 17.29 -26.10 -17.01
N HIS B 133 16.37 -26.60 -16.18
CA HIS B 133 16.53 -26.54 -14.72
C HIS B 133 16.13 -27.85 -14.05
N PRO B 134 16.91 -28.92 -14.27
CA PRO B 134 16.62 -30.19 -13.61
C PRO B 134 17.02 -30.17 -12.14
N ASN B 135 16.31 -30.94 -11.31
CA ASN B 135 16.65 -31.07 -9.90
C ASN B 135 17.95 -31.88 -9.76
N PRO B 136 18.94 -31.34 -9.01
CA PRO B 136 20.18 -32.10 -8.81
C PRO B 136 20.02 -33.11 -7.68
N TRP B 137 19.47 -34.27 -8.02
CA TRP B 137 19.20 -35.31 -7.03
C TRP B 137 20.49 -35.98 -6.55
N PRO B 138 20.56 -36.30 -5.24
CA PRO B 138 21.70 -37.05 -4.73
C PRO B 138 21.62 -38.52 -5.12
N ALA B 139 22.74 -39.22 -5.09
CA ALA B 139 22.76 -40.64 -5.43
C ALA B 139 21.87 -41.44 -4.47
N GLU B 140 21.03 -42.29 -5.03
CA GLU B 140 20.09 -43.10 -4.26
C GLU B 140 20.78 -44.36 -3.74
N GLN B 141 21.41 -44.25 -2.56
CA GLN B 141 22.05 -45.41 -1.94
C GLN B 141 22.03 -45.30 -0.42
N ASP B 142 22.10 -46.46 0.23
CA ASP B 142 22.04 -46.56 1.69
C ASP B 142 20.81 -45.74 2.10
N ASP B 143 20.95 -44.84 3.08
CA ASP B 143 19.80 -44.18 3.71
C ASP B 143 18.99 -43.29 2.76
N LEU B 144 19.55 -42.93 1.61
CA LEU B 144 18.90 -42.03 0.66
C LEU B 144 18.10 -42.74 -0.43
N VAL B 145 17.98 -44.06 -0.35
CA VAL B 145 17.09 -44.79 -1.24
C VAL B 145 15.66 -44.38 -0.88
N GLY B 146 14.90 -43.91 -1.87
CA GLY B 146 13.55 -43.41 -1.64
C GLY B 146 13.48 -41.91 -1.43
N PHE B 147 14.61 -41.21 -1.51
CA PHE B 147 14.65 -39.75 -1.28
C PHE B 147 13.87 -38.99 -2.35
N LYS B 148 14.14 -39.31 -3.61
CA LYS B 148 13.50 -38.64 -4.74
C LYS B 148 11.99 -38.86 -4.76
N SER B 149 11.57 -40.11 -4.67
CA SER B 149 10.14 -40.42 -4.76
C SER B 149 9.36 -39.81 -3.59
N THR B 150 9.98 -39.78 -2.41
CA THR B 150 9.37 -39.17 -1.23
C THR B 150 9.18 -37.66 -1.43
N MET B 151 10.25 -36.99 -1.86
CA MET B 151 10.21 -35.54 -2.01
C MET B 151 9.30 -35.09 -3.15
N ASN B 152 9.30 -35.82 -4.26
CA ASN B 152 8.40 -35.53 -5.37
C ASN B 152 6.93 -35.69 -4.98
N ASN B 153 6.61 -36.71 -4.18
CA ASN B 153 5.26 -36.93 -3.67
C ASN B 153 4.81 -35.77 -2.77
N PHE B 154 5.67 -35.38 -1.84
CA PHE B 154 5.37 -34.26 -0.93
C PHE B 154 5.21 -32.95 -1.70
N PHE B 155 6.08 -32.73 -2.69
CA PHE B 155 5.99 -31.56 -3.58
C PHE B 155 4.62 -31.47 -4.24
N ASP B 156 4.14 -32.59 -4.75
CA ASP B 156 2.84 -32.64 -5.42
C ASP B 156 1.66 -32.44 -4.46
N GLN B 157 1.79 -32.92 -3.23
CA GLN B 157 0.75 -32.72 -2.22
C GLN B 157 0.69 -31.26 -1.75
N CYS B 158 1.85 -30.61 -1.64
CA CYS B 158 1.90 -29.19 -1.31
C CYS B 158 1.36 -28.35 -2.47
N LYS B 159 1.65 -28.78 -3.69
CA LYS B 159 1.13 -28.16 -4.90
C LYS B 159 -0.41 -28.17 -4.88
N ALA B 160 -0.99 -29.31 -4.50
CA ALA B 160 -2.44 -29.42 -4.38
C ALA B 160 -2.98 -28.50 -3.29
N LEU B 161 -2.26 -28.39 -2.17
CA LEU B 161 -2.71 -27.56 -1.06
C LEU B 161 -2.68 -26.08 -1.40
N HIS B 162 -1.66 -25.66 -2.15
CA HIS B 162 -1.55 -24.29 -2.64
C HIS B 162 -2.82 -23.88 -3.39
N ILE B 163 -3.19 -24.69 -4.37
CA ILE B 163 -4.39 -24.48 -5.16
C ILE B 163 -5.61 -24.28 -4.27
N GLU B 164 -5.76 -25.12 -3.25
CA GLU B 164 -6.91 -25.05 -2.36
C GLU B 164 -6.90 -23.83 -1.44
N VAL B 165 -5.72 -23.41 -1.00
CA VAL B 165 -5.61 -22.19 -0.18
C VAL B 165 -5.98 -20.95 -1.01
N MET B 166 -5.55 -20.90 -2.26
CA MET B 166 -5.91 -19.78 -3.13
C MET B 166 -7.43 -19.76 -3.41
N ARG B 167 -8.03 -20.94 -3.51
CA ARG B 167 -9.49 -21.02 -3.69
C ARG B 167 -10.20 -20.47 -2.45
N ALA B 168 -9.65 -20.72 -1.27
CA ALA B 168 -10.19 -20.16 -0.03
C ALA B 168 -10.09 -18.64 -0.03
N ILE B 169 -8.95 -18.12 -0.50
CA ILE B 169 -8.77 -16.67 -0.65
C ILE B 169 -9.82 -16.11 -1.62
N ALA B 170 -10.00 -16.77 -2.76
CA ALA B 170 -11.00 -16.34 -3.74
C ALA B 170 -12.41 -16.31 -3.16
N VAL B 171 -12.79 -17.39 -2.46
CA VAL B 171 -14.10 -17.48 -1.83
C VAL B 171 -14.26 -16.39 -0.77
N GLY B 172 -13.22 -16.19 0.04
CA GLY B 172 -13.25 -15.14 1.05
C GLY B 172 -13.39 -13.76 0.46
N MET B 173 -12.80 -13.55 -0.71
CA MET B 173 -12.88 -12.27 -1.42
C MET B 173 -14.24 -12.03 -2.07
N GLY B 174 -15.03 -13.09 -2.23
CA GLY B 174 -16.32 -12.99 -2.93
C GLY B 174 -16.14 -12.86 -4.43
N ILE B 175 -15.08 -13.48 -4.95
CA ILE B 175 -14.88 -13.61 -6.40
C ILE B 175 -15.01 -15.08 -6.80
N ASP B 176 -14.95 -15.34 -8.09
CA ASP B 176 -14.99 -16.69 -8.66
C ASP B 176 -14.06 -17.62 -7.87
N ALA B 177 -14.62 -18.71 -7.34
CA ALA B 177 -13.87 -19.64 -6.48
C ALA B 177 -12.61 -20.19 -7.14
N ASN B 178 -12.65 -20.33 -8.47
CA ASN B 178 -11.53 -20.86 -9.23
C ASN B 178 -10.66 -19.79 -9.90
N TYR B 179 -10.79 -18.53 -9.48
CA TYR B 179 -10.05 -17.43 -10.11
C TYR B 179 -8.55 -17.68 -10.25
N PHE B 180 -7.91 -18.20 -9.21
CA PHE B 180 -6.44 -18.36 -9.21
C PHE B 180 -5.94 -19.60 -9.96
N ASP B 181 -6.84 -20.53 -10.29
CA ASP B 181 -6.43 -21.82 -10.89
C ASP B 181 -5.49 -21.64 -12.07
N SER B 182 -5.89 -20.82 -13.04
CA SER B 182 -5.11 -20.60 -14.25
C SER B 182 -3.81 -19.80 -14.02
N PHE B 183 -3.68 -19.20 -12.84
CA PHE B 183 -2.46 -18.47 -12.47
C PHE B 183 -1.43 -19.33 -11.72
N VAL B 184 -1.86 -20.47 -11.20
CA VAL B 184 -0.98 -21.31 -10.36
C VAL B 184 -0.89 -22.78 -10.81
N ASP B 185 -1.55 -23.15 -11.90
CA ASP B 185 -1.69 -24.57 -12.29
C ASP B 185 -0.41 -25.26 -12.75
N VAL B 186 0.60 -24.50 -13.15
CA VAL B 186 1.89 -25.08 -13.56
C VAL B 186 2.64 -25.68 -12.36
N GLY B 187 2.52 -25.05 -11.20
CA GLY B 187 3.24 -25.50 -10.02
C GLY B 187 4.70 -25.10 -10.04
N ASP B 188 4.97 -23.82 -10.34
CA ASP B 188 6.34 -23.28 -10.33
C ASP B 188 6.77 -22.97 -8.89
N ASN B 189 6.74 -23.99 -8.05
CA ASN B 189 6.98 -23.85 -6.62
C ASN B 189 8.34 -24.42 -6.25
N ILE B 190 8.84 -24.02 -5.08
CA ILE B 190 10.13 -24.52 -4.59
C ILE B 190 9.95 -25.11 -3.20
N LEU B 191 10.28 -26.39 -3.10
CA LEU B 191 10.31 -27.10 -1.84
C LEU B 191 11.69 -26.93 -1.21
N ARG B 192 11.77 -26.19 -0.10
CA ARG B 192 13.04 -25.95 0.57
C ARG B 192 13.11 -26.75 1.88
N LEU B 193 14.00 -27.73 1.91
CA LEU B 193 14.29 -28.47 3.13
C LEU B 193 15.32 -27.66 3.93
N LEU B 194 15.07 -27.48 5.22
CA LEU B 194 15.95 -26.69 6.08
C LEU B 194 16.45 -27.49 7.27
N HIS B 195 17.73 -27.30 7.58
CA HIS B 195 18.33 -27.89 8.76
C HIS B 195 19.14 -26.80 9.48
N TYR B 196 18.77 -26.53 10.73
CA TYR B 196 19.52 -25.60 11.56
C TYR B 196 20.28 -26.45 12.57
N PRO B 197 21.61 -26.58 12.40
CA PRO B 197 22.40 -27.46 13.25
C PRO B 197 22.31 -27.13 14.74
N ALA B 198 22.62 -28.11 15.58
CA ALA B 198 22.79 -27.88 17.01
C ALA B 198 23.76 -26.71 17.21
N VAL B 199 23.39 -25.79 18.11
CA VAL B 199 24.19 -24.60 18.36
C VAL B 199 24.16 -24.26 19.85
N LYS B 200 25.33 -23.91 20.39
CA LYS B 200 25.43 -23.49 21.79
C LYS B 200 24.77 -22.13 21.97
N SER B 201 24.10 -21.94 23.10
CA SER B 201 23.43 -20.67 23.38
C SER B 201 24.44 -19.52 23.52
N GLU B 202 25.67 -19.85 23.92
CA GLU B 202 26.73 -18.85 24.01
C GLU B 202 27.01 -18.16 22.67
N VAL B 203 26.87 -18.90 21.56
CA VAL B 203 27.10 -18.34 20.23
C VAL B 203 26.24 -17.10 20.00
N PHE B 204 25.00 -17.14 20.47
CA PHE B 204 24.08 -16.00 20.34
C PHE B 204 24.39 -14.89 21.35
N LYS B 205 24.78 -15.26 22.56
CA LYS B 205 25.13 -14.30 23.61
C LYS B 205 26.46 -13.61 23.31
N ILE B 206 27.33 -14.30 22.58
CA ILE B 206 28.58 -13.72 22.05
C ILE B 206 28.27 -12.62 21.04
N ASN B 207 27.35 -12.91 20.12
CA ASN B 207 27.00 -12.00 19.05
C ASN B 207 25.50 -11.75 19.04
N PRO B 208 25.03 -10.76 19.84
CA PRO B 208 23.62 -10.38 19.71
C PRO B 208 23.37 -9.88 18.28
N GLY B 209 22.29 -10.35 17.68
CA GLY B 209 22.05 -10.13 16.24
C GLY B 209 22.32 -11.38 15.44
N GLN B 210 23.03 -12.34 16.03
CA GLN B 210 23.17 -13.67 15.45
C GLN B 210 21.80 -14.33 15.47
N VAL B 211 21.37 -14.85 14.32
CA VAL B 211 20.10 -15.54 14.22
C VAL B 211 20.27 -16.83 13.42
N ARG B 212 19.23 -17.66 13.47
CA ARG B 212 19.20 -18.90 12.70
C ARG B 212 18.73 -18.63 11.27
N ALA B 213 17.77 -17.71 11.13
CA ALA B 213 17.34 -17.23 9.81
C ALA B 213 17.08 -15.74 9.88
N GLY B 214 17.78 -14.98 9.03
CA GLY B 214 17.67 -13.52 9.04
C GLY B 214 16.28 -13.04 8.70
N GLU B 215 15.91 -11.88 9.24
CA GLU B 215 14.59 -11.32 8.98
C GLU B 215 14.39 -11.00 7.49
N HIS B 216 13.19 -11.31 6.99
CA HIS B 216 12.89 -11.17 5.57
C HIS B 216 11.39 -11.30 5.33
N THR B 217 10.98 -11.00 4.11
CA THR B 217 9.65 -11.37 3.63
C THR B 217 9.83 -12.41 2.52
N ASP B 218 8.83 -13.28 2.35
CA ASP B 218 8.88 -14.27 1.27
C ASP B 218 8.45 -13.60 -0.02
N TYR B 219 8.82 -14.20 -1.15
CA TYR B 219 8.67 -13.57 -2.47
C TYR B 219 7.36 -13.84 -3.19
N GLY B 220 6.80 -15.03 -3.00
CA GLY B 220 5.76 -15.56 -3.88
C GLY B 220 4.33 -15.25 -3.50
N SER B 221 3.44 -16.20 -3.81
CA SER B 221 2.02 -16.07 -3.45
C SER B 221 1.83 -16.41 -1.98
N ILE B 222 2.05 -17.67 -1.63
CA ILE B 222 2.07 -18.12 -0.24
C ILE B 222 3.24 -19.05 0.02
N THR B 223 3.55 -19.24 1.29
CA THR B 223 4.54 -20.21 1.71
C THR B 223 3.87 -21.15 2.70
N LEU B 224 4.07 -22.45 2.52
CA LEU B 224 3.59 -23.44 3.48
C LEU B 224 4.79 -23.86 4.32
N LEU B 225 4.73 -23.55 5.61
CA LEU B 225 5.86 -23.82 6.50
C LEU B 225 5.53 -24.91 7.51
N PHE B 226 6.24 -26.04 7.38
CA PHE B 226 6.13 -27.15 8.30
C PHE B 226 7.32 -27.09 9.23
N GLN B 227 7.09 -26.84 10.51
CA GLN B 227 8.18 -26.79 11.48
C GLN B 227 8.04 -27.90 12.50
N ASP B 228 9.18 -28.32 13.06
CA ASP B 228 9.20 -29.28 14.16
C ASP B 228 8.89 -28.54 15.47
N SER B 229 9.12 -29.21 16.60
CA SER B 229 8.71 -28.69 17.90
C SER B 229 9.73 -27.78 18.58
N ARG B 230 10.88 -27.52 17.95
CA ARG B 230 11.97 -26.78 18.60
C ARG B 230 11.60 -25.34 18.94
N GLY B 231 10.92 -24.67 18.01
CA GLY B 231 10.57 -23.26 18.17
C GLY B 231 11.65 -22.36 17.61
N GLY B 232 11.43 -21.05 17.67
CA GLY B 232 12.38 -20.07 17.14
C GLY B 232 11.81 -19.16 16.08
N LEU B 233 10.76 -19.59 15.39
CA LEU B 233 10.12 -18.76 14.36
C LEU B 233 9.45 -17.57 15.03
N GLN B 234 9.69 -16.39 14.48
CA GLN B 234 9.05 -15.17 14.97
C GLN B 234 8.46 -14.36 13.82
N VAL B 235 7.36 -13.66 14.10
CA VAL B 235 6.65 -12.85 13.14
C VAL B 235 6.53 -11.44 13.70
N LYS B 236 6.80 -10.44 12.89
CA LYS B 236 6.80 -9.06 13.36
C LYS B 236 5.37 -8.54 13.50
N SER B 237 5.05 -8.01 14.68
CA SER B 237 3.74 -7.44 14.95
C SER B 237 3.55 -6.12 14.19
N PRO B 238 2.30 -5.64 14.08
CA PRO B 238 2.10 -4.32 13.46
C PRO B 238 2.71 -3.17 14.27
N ASN B 239 3.02 -3.40 15.54
CA ASN B 239 3.70 -2.41 16.37
C ASN B 239 5.22 -2.51 16.33
N GLY B 240 5.74 -3.43 15.51
CA GLY B 240 7.16 -3.51 15.24
C GLY B 240 7.96 -4.41 16.17
N GLN B 241 7.28 -5.33 16.85
CA GLN B 241 7.94 -6.27 17.77
C GLN B 241 7.83 -7.70 17.23
N PHE B 242 8.94 -8.43 17.27
CA PHE B 242 8.95 -9.84 16.85
C PHE B 242 8.28 -10.73 17.90
N ILE B 243 7.28 -11.50 17.47
CA ILE B 243 6.48 -12.35 18.34
C ILE B 243 6.74 -13.82 17.99
N ASP B 244 6.88 -14.66 19.02
CA ASP B 244 7.11 -16.09 18.82
C ASP B 244 5.93 -16.76 18.13
N ALA B 245 6.21 -17.52 17.07
CA ALA B 245 5.20 -18.34 16.43
C ALA B 245 5.33 -19.76 16.95
N THR B 246 4.68 -20.00 18.09
CA THR B 246 4.79 -21.28 18.78
C THR B 246 4.43 -22.45 17.88
N PRO B 247 5.26 -23.51 17.86
CA PRO B 247 4.90 -24.68 17.08
C PRO B 247 3.68 -25.38 17.66
N ILE B 248 2.71 -25.71 16.79
CA ILE B 248 1.56 -26.52 17.19
C ILE B 248 1.59 -27.79 16.35
N GLU B 249 1.46 -28.93 17.04
CA GLU B 249 1.62 -30.23 16.40
C GLU B 249 0.63 -30.42 15.25
N ASN B 250 1.11 -30.98 14.16
CA ASN B 250 0.31 -31.25 12.96
C ASN B 250 -0.41 -30.02 12.38
N THR B 251 0.21 -28.84 12.51
CA THR B 251 -0.27 -27.64 11.82
C THR B 251 0.70 -27.24 10.73
N VAL B 252 0.23 -26.45 9.79
CA VAL B 252 1.10 -25.83 8.79
C VAL B 252 0.94 -24.32 8.93
N VAL B 253 2.06 -23.63 9.00
CA VAL B 253 2.07 -22.18 9.10
C VAL B 253 2.06 -21.65 7.68
N VAL B 254 1.06 -20.81 7.36
CA VAL B 254 0.92 -20.28 6.01
C VAL B 254 1.00 -18.76 6.03
N ASN B 255 1.89 -18.21 5.22
CA ASN B 255 2.01 -16.76 5.09
C ASN B 255 2.00 -16.32 3.64
N ALA B 256 1.46 -15.13 3.40
CA ALA B 256 1.47 -14.55 2.06
C ALA B 256 2.86 -13.99 1.77
N GLY B 257 3.25 -14.02 0.50
CA GLY B 257 4.51 -13.48 0.06
C GLY B 257 4.32 -12.14 -0.62
N ASP B 258 5.41 -11.52 -1.00
CA ASP B 258 5.41 -10.18 -1.56
C ASP B 258 4.64 -10.07 -2.88
N LEU B 259 4.67 -11.12 -3.69
CA LEU B 259 3.97 -11.09 -4.97
C LEU B 259 2.46 -11.08 -4.77
N LEU B 260 1.96 -11.83 -3.78
CA LEU B 260 0.52 -11.79 -3.45
C LEU B 260 0.11 -10.46 -2.81
N ALA B 261 0.98 -9.88 -2.00
CA ALA B 261 0.71 -8.55 -1.41
C ALA B 261 0.48 -7.55 -2.55
N ARG B 262 1.40 -7.55 -3.50
CA ARG B 262 1.32 -6.69 -4.66
C ARG B 262 0.10 -7.02 -5.52
N TRP B 263 -0.07 -8.31 -5.81
CA TRP B 263 -1.18 -8.84 -6.60
C TRP B 263 -2.54 -8.40 -6.01
N SER B 264 -2.61 -8.38 -4.68
CA SER B 264 -3.84 -8.03 -3.98
C SER B 264 -4.01 -6.52 -3.75
N ASN B 265 -3.16 -5.72 -4.38
CA ASN B 265 -3.15 -4.27 -4.18
C ASN B 265 -2.96 -3.90 -2.71
N ASP B 266 -2.10 -4.66 -2.03
CA ASP B 266 -1.81 -4.51 -0.60
C ASP B 266 -3.01 -4.68 0.35
N THR B 267 -4.06 -5.38 -0.10
CA THR B 267 -5.15 -5.77 0.81
C THR B 267 -4.71 -6.98 1.65
N ILE B 268 -3.81 -7.78 1.10
CA ILE B 268 -3.20 -8.89 1.82
C ILE B 268 -1.78 -8.48 2.24
N LYS B 269 -1.37 -8.87 3.44
CA LYS B 269 -0.08 -8.48 4.00
C LYS B 269 0.97 -9.56 3.80
N SER B 270 2.19 -9.15 3.45
CA SER B 270 3.36 -10.02 3.48
C SER B 270 4.22 -9.53 4.65
N THR B 271 4.36 -10.36 5.66
CA THR B 271 4.88 -9.94 6.94
C THR B 271 6.33 -10.39 7.17
N VAL B 272 7.11 -9.50 7.77
CA VAL B 272 8.50 -9.81 8.11
C VAL B 272 8.54 -10.90 9.19
N HIS B 273 9.42 -11.87 9.00
CA HIS B 273 9.60 -12.93 9.98
C HIS B 273 11.05 -13.41 9.99
N ARG B 274 11.41 -14.16 11.02
CA ARG B 274 12.77 -14.62 11.23
C ARG B 274 12.78 -15.87 12.09
N VAL B 275 13.96 -16.49 12.23
CA VAL B 275 14.16 -17.60 13.14
C VAL B 275 15.36 -17.28 14.05
N VAL B 276 15.10 -17.21 15.35
CA VAL B 276 16.11 -16.92 16.35
C VAL B 276 16.27 -18.13 17.29
N GLU B 277 17.00 -17.94 18.38
CA GLU B 277 17.07 -18.95 19.44
C GLU B 277 15.70 -19.42 19.87
N PRO B 278 15.55 -20.74 20.11
CA PRO B 278 14.30 -21.20 20.72
C PRO B 278 14.08 -20.53 22.07
N PRO B 279 12.82 -20.30 22.45
CA PRO B 279 12.57 -19.71 23.78
C PRO B 279 13.05 -20.57 24.96
N LYS B 280 13.23 -21.87 24.75
CA LYS B 280 13.73 -22.76 25.81
C LYS B 280 15.15 -22.38 26.21
N GLN B 281 15.38 -22.32 27.51
CA GLN B 281 16.69 -21.99 28.06
C GLN B 281 17.49 -23.29 28.23
N GLU B 282 18.68 -23.35 27.64
CA GLU B 282 19.49 -24.57 27.64
C GLU B 282 20.92 -24.30 27.16
N ASP B 283 21.84 -25.18 27.53
CA ASP B 283 23.24 -25.08 27.12
C ASP B 283 23.38 -25.17 25.61
N VAL B 284 22.82 -26.23 25.03
CA VAL B 284 22.92 -26.50 23.60
C VAL B 284 21.52 -26.62 23.02
N HIS B 285 21.22 -25.78 22.02
CA HIS B 285 19.95 -25.88 21.31
C HIS B 285 20.07 -27.01 20.29
N PRO B 286 19.19 -28.03 20.40
CA PRO B 286 19.28 -29.16 19.47
C PRO B 286 19.00 -28.77 18.02
N PRO B 287 19.27 -29.68 17.07
CA PRO B 287 18.99 -29.38 15.66
C PRO B 287 17.51 -29.08 15.41
N ARG B 288 17.25 -28.09 14.57
CA ARG B 288 15.88 -27.75 14.18
C ARG B 288 15.68 -28.06 12.71
N TYR B 289 14.59 -28.74 12.40
CA TYR B 289 14.20 -29.03 11.03
C TYR B 289 12.93 -28.29 10.71
N SER B 290 12.89 -27.69 9.52
CA SER B 290 11.66 -27.14 8.98
C SER B 290 11.62 -27.37 7.48
N ILE B 291 10.43 -27.25 6.91
CA ILE B 291 10.27 -27.34 5.46
C ILE B 291 9.41 -26.17 5.02
N ALA B 292 9.98 -25.35 4.14
CA ALA B 292 9.27 -24.22 3.54
C ALA B 292 8.95 -24.58 2.11
N TYR B 293 7.66 -24.67 1.80
CA TYR B 293 7.21 -24.85 0.42
C TYR B 293 6.80 -23.49 -0.13
N PHE B 294 7.66 -22.90 -0.96
CA PHE B 294 7.39 -21.59 -1.54
C PHE B 294 6.48 -21.73 -2.75
N CYS B 295 5.27 -21.21 -2.63
CA CYS B 295 4.33 -21.22 -3.74
C CYS B 295 4.43 -19.94 -4.53
N ASN B 296 4.36 -20.07 -5.85
CA ASN B 296 4.46 -18.93 -6.76
C ASN B 296 3.38 -19.04 -7.85
N PRO B 297 2.96 -17.88 -8.40
CA PRO B 297 2.17 -17.95 -9.63
C PRO B 297 3.03 -18.55 -10.74
N ASN B 298 2.39 -19.03 -11.81
CA ASN B 298 3.11 -19.52 -12.97
C ASN B 298 4.09 -18.45 -13.46
N HIS B 299 5.28 -18.85 -13.88
CA HIS B 299 6.28 -17.89 -14.34
C HIS B 299 5.77 -17.04 -15.51
N LYS B 300 4.89 -17.61 -16.33
CA LYS B 300 4.29 -16.89 -17.46
C LYS B 300 3.22 -15.87 -17.03
N SER B 301 2.70 -15.99 -15.82
CA SER B 301 1.60 -15.15 -15.35
C SER B 301 1.95 -13.66 -15.30
N TYR B 302 1.00 -12.84 -15.73
CA TYR B 302 1.10 -11.39 -15.60
C TYR B 302 0.32 -10.98 -14.34
N ILE B 303 0.98 -10.23 -13.47
CA ILE B 303 0.45 -9.92 -12.14
C ILE B 303 0.02 -8.46 -12.08
N GLU B 304 -1.29 -8.24 -12.04
CA GLU B 304 -1.86 -6.92 -11.78
C GLU B 304 -3.05 -7.07 -10.85
N ALA B 305 -3.52 -5.95 -10.29
CA ALA B 305 -4.48 -5.96 -9.18
C ALA B 305 -5.67 -6.91 -9.40
N ILE B 306 -5.89 -7.77 -8.41
CA ILE B 306 -7.02 -8.72 -8.42
C ILE B 306 -8.34 -7.94 -8.38
N PRO B 307 -9.32 -8.35 -9.21
CA PRO B 307 -10.60 -7.63 -9.19
C PRO B 307 -11.25 -7.61 -7.80
N GLY B 308 -11.80 -6.46 -7.42
CA GLY B 308 -12.37 -6.28 -6.09
C GLY B 308 -11.43 -5.77 -5.02
N THR B 309 -10.12 -5.68 -5.34
CA THR B 309 -9.14 -5.14 -4.38
C THR B 309 -8.94 -3.63 -4.52
N TYR B 310 -9.73 -3.02 -5.39
CA TYR B 310 -9.75 -1.57 -5.56
C TYR B 310 -11.10 -1.22 -6.17
N ALA B 311 -11.53 0.03 -6.00
CA ALA B 311 -12.74 0.53 -6.67
C ALA B 311 -12.34 1.31 -7.91
N ALA B 312 -11.84 2.52 -7.74
CA ALA B 312 -11.38 3.34 -8.86
C ALA B 312 -9.98 2.90 -9.28
N GLU B 313 -9.66 3.07 -10.56
CA GLU B 313 -8.37 2.65 -11.10
C GLU B 313 -7.19 3.39 -10.45
N SER B 314 -7.41 4.62 -10.00
CA SER B 314 -6.36 5.40 -9.33
C SER B 314 -5.94 4.81 -7.98
N GLU B 315 -6.74 3.89 -7.43
CA GLU B 315 -6.39 3.18 -6.21
C GLU B 315 -5.36 2.05 -6.44
N ARG B 316 -5.11 1.69 -7.70
CA ARG B 316 -4.10 0.68 -8.02
C ARG B 316 -2.69 1.20 -7.77
N LYS B 317 -1.98 0.54 -6.86
CA LYS B 317 -0.67 1.03 -6.42
C LYS B 317 0.50 0.64 -7.33
N TYR B 318 0.36 -0.43 -8.09
CA TYR B 318 1.49 -1.05 -8.80
C TYR B 318 1.24 -1.29 -10.27
N GLU B 319 2.26 -1.01 -11.09
CA GLU B 319 2.27 -1.45 -12.48
C GLU B 319 2.29 -2.97 -12.55
N GLY B 320 1.72 -3.51 -13.63
CA GLY B 320 1.71 -4.95 -13.83
C GLY B 320 3.12 -5.46 -14.07
N ILE B 321 3.38 -6.69 -13.63
CA ILE B 321 4.69 -7.30 -13.82
C ILE B 321 4.56 -8.78 -14.11
N ASN B 322 5.53 -9.31 -14.85
CA ASN B 322 5.61 -10.74 -15.11
C ASN B 322 6.11 -11.46 -13.86
N SER B 323 5.40 -12.52 -13.47
CA SER B 323 5.71 -13.26 -12.25
C SER B 323 7.14 -13.82 -12.20
N GLY B 324 7.51 -14.56 -13.24
CA GLY B 324 8.84 -15.17 -13.33
C GLY B 324 9.97 -14.16 -13.29
N LYS B 325 9.82 -13.08 -14.03
CA LYS B 325 10.80 -11.99 -14.04
C LYS B 325 10.96 -11.36 -12.65
N TYR B 326 9.85 -11.11 -11.97
CA TYR B 326 9.89 -10.60 -10.60
C TYR B 326 10.70 -11.50 -9.68
N LEU B 327 10.39 -12.81 -9.70
CA LEU B 327 11.01 -13.77 -8.78
C LEU B 327 12.52 -13.90 -8.97
N VAL B 328 12.97 -13.99 -10.23
CA VAL B 328 14.40 -14.14 -10.51
C VAL B 328 15.18 -12.91 -10.06
N GLN B 329 14.59 -11.73 -10.20
CA GLN B 329 15.20 -10.49 -9.71
C GLN B 329 15.39 -10.53 -8.19
N ARG B 330 14.41 -11.03 -7.46
CA ARG B 330 14.51 -11.16 -5.99
C ARG B 330 15.60 -12.18 -5.62
N LEU B 331 15.62 -13.30 -6.32
CA LEU B 331 16.62 -14.35 -6.07
C LEU B 331 18.02 -13.95 -6.51
N ALA B 332 18.12 -13.13 -7.56
CA ALA B 332 19.42 -12.74 -8.12
C ALA B 332 20.04 -11.48 -7.50
N ALA B 333 19.24 -10.75 -6.72
CA ALA B 333 19.65 -9.41 -6.25
C ALA B 333 20.97 -9.42 -5.47
N THR B 334 21.13 -10.37 -4.56
CA THR B 334 22.33 -10.45 -3.72
C THR B 334 23.54 -10.96 -4.52
N MET C 3 17.68 -1.63 30.73
CA MET C 3 16.27 -1.17 30.74
C MET C 3 15.46 -1.79 29.60
N GLU C 4 14.36 -2.46 29.95
CA GLU C 4 13.37 -2.90 28.99
C GLU C 4 12.58 -1.67 28.55
N LYS C 5 11.88 -1.77 27.43
CA LYS C 5 11.01 -0.67 27.00
C LYS C 5 9.83 -0.60 27.96
N ALA C 6 9.44 0.62 28.31
CA ALA C 6 8.33 0.85 29.23
C ALA C 6 7.06 0.17 28.71
N ALA C 7 6.29 -0.41 29.62
CA ALA C 7 4.98 -0.97 29.27
C ALA C 7 4.03 0.15 28.83
N VAL C 8 4.13 1.30 29.51
CA VAL C 8 3.32 2.48 29.18
C VAL C 8 4.20 3.72 29.25
N ASN C 9 4.03 4.61 28.27
CA ASN C 9 4.77 5.86 28.25
C ASN C 9 3.99 6.97 27.52
N GLU C 10 3.03 7.56 28.25
CA GLU C 10 2.16 8.61 27.68
C GLU C 10 1.73 9.61 28.73
N ASP C 11 1.74 10.89 28.36
CA ASP C 11 1.14 11.98 29.14
C ASP C 11 1.79 12.14 30.52
N GLY C 12 3.07 11.82 30.61
CA GLY C 12 3.81 11.89 31.86
C GLY C 12 3.78 10.58 32.64
N LEU C 13 2.93 9.63 32.21
CA LEU C 13 2.84 8.33 32.85
C LEU C 13 3.84 7.35 32.24
N VAL C 14 4.84 6.97 33.03
CA VAL C 14 5.83 5.97 32.60
C VAL C 14 5.70 4.75 33.52
N ILE C 15 5.17 3.65 32.98
CA ILE C 15 5.06 2.39 33.72
C ILE C 15 6.12 1.45 33.19
N PRO C 16 7.15 1.15 34.02
CA PRO C 16 8.25 0.33 33.53
C PRO C 16 7.89 -1.15 33.42
N LEU C 17 8.54 -1.83 32.47
CA LEU C 17 8.50 -3.28 32.39
C LEU C 17 9.82 -3.81 32.95
N ILE C 18 9.74 -4.55 34.05
CA ILE C 18 10.93 -4.95 34.80
C ILE C 18 11.03 -6.48 34.90
N ASP C 19 12.24 -6.99 34.66
CA ASP C 19 12.51 -8.42 34.77
C ASP C 19 12.80 -8.77 36.23
N PHE C 20 11.82 -9.38 36.89
CA PHE C 20 11.90 -9.65 38.32
C PHE C 20 12.92 -10.73 38.68
N SER C 21 13.25 -11.61 37.73
CA SER C 21 14.29 -12.62 37.95
C SER C 21 15.67 -11.98 38.17
N LYS C 22 15.84 -10.76 37.67
CA LYS C 22 17.09 -10.02 37.86
C LYS C 22 17.25 -9.49 39.29
N PHE C 23 16.13 -9.33 40.00
CA PHE C 23 16.18 -9.03 41.43
C PHE C 23 16.40 -10.29 42.26
N LEU C 24 15.78 -11.40 41.84
CA LEU C 24 15.87 -12.64 42.59
C LEU C 24 17.16 -13.43 42.36
N GLU C 25 17.72 -13.36 41.14
CA GLU C 25 18.82 -14.25 40.75
C GLU C 25 20.08 -13.59 40.17
N GLY C 26 20.08 -12.28 39.99
CA GLY C 26 21.25 -11.60 39.40
C GLY C 26 22.44 -11.55 40.35
N ASP C 27 23.50 -10.88 39.92
CA ASP C 27 24.56 -10.47 40.85
C ASP C 27 24.04 -9.25 41.63
N GLU C 28 24.72 -8.90 42.72
CA GLU C 28 24.22 -7.86 43.62
C GLU C 28 24.00 -6.51 42.94
N THR C 29 24.89 -6.16 42.01
CA THR C 29 24.79 -4.89 41.29
C THR C 29 23.50 -4.82 40.46
N LEU C 30 23.19 -5.92 39.78
CA LEU C 30 21.97 -6.00 38.98
C LEU C 30 20.73 -6.12 39.85
N LYS C 31 20.83 -6.88 40.95
CA LYS C 31 19.77 -6.97 41.94
C LYS C 31 19.39 -5.57 42.44
N LEU C 32 20.41 -4.78 42.76
CA LEU C 32 20.21 -3.41 43.25
C LEU C 32 19.59 -2.51 42.17
N GLU C 33 20.13 -2.59 40.96
CA GLU C 33 19.61 -1.82 39.84
C GLU C 33 18.12 -2.09 39.64
N THR C 34 17.75 -3.36 39.70
CA THR C 34 16.37 -3.78 39.49
C THR C 34 15.47 -3.29 40.62
N ALA C 35 15.96 -3.38 41.85
CA ALA C 35 15.22 -2.88 43.02
C ALA C 35 14.93 -1.39 42.90
N LYS C 36 15.92 -0.61 42.49
CA LYS C 36 15.73 0.84 42.31
C LYS C 36 14.74 1.17 41.19
N ALA C 37 14.76 0.39 40.12
CA ALA C 37 13.81 0.57 39.03
C ALA C 37 12.39 0.26 39.50
N ILE C 38 12.23 -0.78 40.30
CA ILE C 38 10.94 -1.14 40.88
C ILE C 38 10.41 0.00 41.73
N LEU C 39 11.24 0.48 42.66
CA LEU C 39 10.85 1.58 43.53
C LEU C 39 10.55 2.86 42.75
N HIS C 40 11.39 3.17 41.77
CA HIS C 40 11.17 4.37 40.96
C HIS C 40 9.80 4.32 40.29
N GLY C 41 9.42 3.16 39.77
CA GLY C 41 8.08 2.96 39.21
C GLY C 41 6.98 3.27 40.20
N PHE C 42 7.11 2.77 41.42
CA PHE C 42 6.12 3.03 42.48
C PHE C 42 6.09 4.49 42.92
N GLN C 43 7.24 5.17 42.85
CA GLN C 43 7.37 6.56 43.26
C GLN C 43 6.84 7.54 42.21
N THR C 44 6.61 7.05 40.99
CA THR C 44 6.24 7.91 39.88
C THR C 44 4.85 7.54 39.35
N ALA C 45 4.75 6.40 38.68
CA ALA C 45 3.47 5.95 38.13
C ALA C 45 2.56 5.30 39.18
N GLY C 46 3.15 4.74 40.24
CA GLY C 46 2.42 3.92 41.19
C GLY C 46 2.18 2.50 40.69
N PHE C 47 2.65 2.22 39.49
CA PHE C 47 2.37 0.99 38.75
C PHE C 47 3.66 0.51 38.09
N ILE C 48 3.85 -0.81 38.07
CA ILE C 48 4.89 -1.44 37.27
C ILE C 48 4.33 -2.70 36.61
N TYR C 49 4.99 -3.15 35.54
CA TYR C 49 4.81 -4.51 35.03
C TYR C 49 6.02 -5.34 35.40
N LEU C 50 5.79 -6.52 35.98
CA LEU C 50 6.86 -7.49 36.19
C LEU C 50 6.73 -8.67 35.24
N LYS C 51 7.84 -9.03 34.60
CA LYS C 51 7.93 -10.25 33.80
C LYS C 51 8.91 -11.21 34.47
N ASN C 52 8.88 -12.48 34.04
CA ASN C 52 9.73 -13.53 34.59
C ASN C 52 9.64 -13.63 36.12
N ILE C 53 8.41 -13.76 36.61
CA ILE C 53 8.16 -13.93 38.05
C ILE C 53 8.12 -15.43 38.39
N PRO C 54 8.28 -15.78 39.68
CA PRO C 54 8.33 -17.20 40.08
C PRO C 54 7.11 -18.04 39.69
N ILE C 55 5.95 -17.39 39.60
CA ILE C 55 4.71 -18.08 39.25
C ILE C 55 4.75 -18.53 37.80
N GLN C 56 4.59 -19.83 37.57
CA GLN C 56 4.74 -20.41 36.23
C GLN C 56 3.54 -20.09 35.32
N PRO C 57 3.81 -19.76 34.04
CA PRO C 57 2.77 -19.42 33.06
C PRO C 57 1.68 -20.48 32.91
N ASP C 58 2.07 -21.76 32.87
CA ASP C 58 1.10 -22.85 32.67
C ASP C 58 0.15 -23.00 33.85
N PHE C 59 0.67 -22.83 35.06
CA PHE C 59 -0.16 -22.85 36.27
C PHE C 59 -1.09 -21.63 36.32
N ARG C 60 -0.58 -20.46 35.94
CA ARG C 60 -1.41 -19.26 35.88
C ARG C 60 -2.62 -19.48 34.96
N GLU C 61 -2.38 -20.09 33.80
CA GLU C 61 -3.46 -20.42 32.86
C GLU C 61 -4.47 -21.39 33.47
N HIS C 62 -3.99 -22.37 34.22
CA HIS C 62 -4.86 -23.31 34.92
C HIS C 62 -5.74 -22.59 35.95
N VAL C 63 -5.16 -21.61 36.64
CA VAL C 63 -5.89 -20.84 37.64
C VAL C 63 -7.02 -20.02 36.99
N PHE C 64 -6.75 -19.44 35.83
CA PHE C 64 -7.76 -18.70 35.07
C PHE C 64 -8.88 -19.61 34.56
N ASN C 65 -8.52 -20.79 34.06
CA ASN C 65 -9.51 -21.79 33.63
C ASN C 65 -10.40 -22.22 34.79
N THR C 66 -9.77 -22.40 35.95
CA THR C 66 -10.48 -22.79 37.17
C THR C 66 -11.43 -21.67 37.62
N SER C 67 -10.96 -20.43 37.56
CA SER C 67 -11.80 -19.28 37.82
C SER C 67 -13.02 -19.24 36.90
N ALA C 68 -12.79 -19.44 35.61
CA ALA C 68 -13.87 -19.42 34.62
C ALA C 68 -14.95 -20.46 34.95
N LYS C 69 -14.53 -21.63 35.40
CA LYS C 69 -15.47 -22.69 35.78
C LYS C 69 -16.37 -22.25 36.94
N PHE C 70 -15.82 -21.54 37.90
CA PHE C 70 -16.63 -21.04 39.02
C PHE C 70 -17.75 -20.11 38.56
N PHE C 71 -17.40 -19.17 37.68
CA PHE C 71 -18.37 -18.16 37.24
C PHE C 71 -19.40 -18.71 36.25
N LYS C 72 -19.13 -19.87 35.66
CA LYS C 72 -20.11 -20.57 34.81
C LYS C 72 -21.27 -21.16 35.62
N LEU C 73 -21.11 -21.28 36.93
CA LEU C 73 -22.19 -21.74 37.81
C LEU C 73 -23.46 -20.90 37.69
N PRO C 74 -24.62 -21.53 37.98
CA PRO C 74 -25.89 -20.81 38.11
C PRO C 74 -25.83 -19.64 39.08
N LYS C 75 -26.55 -18.57 38.76
CA LYS C 75 -26.65 -17.38 39.61
C LYS C 75 -26.89 -17.73 41.08
N GLU C 76 -27.75 -18.71 41.33
CA GLU C 76 -28.12 -19.10 42.69
C GLU C 76 -26.95 -19.75 43.44
N LYS C 77 -26.22 -20.62 42.75
CA LYS C 77 -25.04 -21.27 43.32
C LYS C 77 -23.98 -20.27 43.76
N LYS C 78 -23.83 -19.19 43.01
CA LYS C 78 -22.83 -18.16 43.31
C LYS C 78 -23.30 -17.25 44.45
N LEU C 79 -24.57 -16.86 44.44
CA LEU C 79 -25.17 -16.09 45.54
C LEU C 79 -25.11 -16.87 46.87
N GLU C 80 -25.05 -18.19 46.76
CA GLU C 80 -24.97 -19.08 47.92
C GLU C 80 -23.72 -18.82 48.76
N VAL C 81 -22.59 -18.60 48.10
CA VAL C 81 -21.32 -18.30 48.78
C VAL C 81 -21.03 -16.80 48.75
N GLY C 82 -22.07 -16.01 49.05
CA GLY C 82 -22.03 -14.57 48.87
C GLY C 82 -21.20 -13.82 49.89
N TRP C 83 -20.67 -12.69 49.45
CA TRP C 83 -19.91 -11.77 50.31
C TRP C 83 -20.79 -11.36 51.49
N THR C 84 -20.24 -11.46 52.70
CA THR C 84 -21.03 -11.20 53.92
C THR C 84 -20.71 -9.83 54.54
N THR C 85 -19.56 -9.72 55.20
CA THR C 85 -19.19 -8.52 55.94
C THR C 85 -17.82 -7.99 55.50
N PRO C 86 -17.53 -6.72 55.78
CA PRO C 86 -16.20 -6.16 55.47
C PRO C 86 -15.06 -6.76 56.31
N GLU C 87 -15.37 -7.23 57.52
CA GLU C 87 -14.36 -7.87 58.38
C GLU C 87 -13.95 -9.25 57.83
N ALA C 88 -14.88 -9.92 57.13
CA ALA C 88 -14.58 -11.19 56.48
C ALA C 88 -13.92 -10.95 55.12
N ASN C 89 -14.55 -10.10 54.31
CA ASN C 89 -14.08 -9.77 52.96
C ASN C 89 -13.84 -11.01 52.09
N ARG C 90 -14.76 -11.97 52.17
CA ARG C 90 -14.64 -13.24 51.46
C ARG C 90 -15.99 -13.59 50.83
N GLY C 91 -15.94 -14.20 49.64
CA GLY C 91 -17.14 -14.71 48.99
C GLY C 91 -17.47 -14.03 47.68
N TYR C 92 -18.64 -14.37 47.14
CA TYR C 92 -19.07 -13.93 45.82
C TYR C 92 -19.81 -12.59 45.86
N SER C 93 -19.69 -11.82 44.78
CA SER C 93 -20.34 -10.52 44.68
C SER C 93 -20.76 -10.23 43.24
N ALA C 94 -22.06 -9.95 43.05
CA ALA C 94 -22.64 -9.62 41.75
C ALA C 94 -23.12 -8.16 41.74
N PRO C 95 -23.28 -7.56 40.56
CA PRO C 95 -23.61 -6.13 40.50
C PRO C 95 -25.08 -5.83 40.75
N PRO C 117 -23.98 0.53 37.25
CA PRO C 117 -22.91 -0.04 38.06
C PRO C 117 -21.92 -0.88 37.25
N ASP C 118 -20.87 -1.36 37.90
CA ASP C 118 -19.82 -2.14 37.25
C ASP C 118 -20.36 -3.42 36.64
N ILE C 119 -20.07 -3.65 35.36
CA ILE C 119 -20.55 -4.83 34.66
C ILE C 119 -19.56 -5.97 34.95
N LYS C 120 -19.59 -6.45 36.19
CA LYS C 120 -18.64 -7.44 36.66
C LYS C 120 -19.22 -8.28 37.79
N GLU C 121 -18.60 -9.43 38.02
CA GLU C 121 -18.81 -10.22 39.22
C GLU C 121 -17.46 -10.61 39.77
N SER C 122 -17.40 -10.92 41.06
CA SER C 122 -16.15 -11.27 41.69
C SER C 122 -16.31 -12.34 42.76
N TYR C 123 -15.21 -13.02 43.06
CA TYR C 123 -15.18 -14.00 44.14
C TYR C 123 -13.87 -13.86 44.90
N GLU C 124 -13.98 -13.64 46.21
CA GLU C 124 -12.82 -13.33 47.04
C GLU C 124 -12.47 -14.42 48.04
N ILE C 125 -11.18 -14.69 48.14
CA ILE C 125 -10.63 -15.75 48.97
C ILE C 125 -9.54 -15.15 49.86
N GLY C 126 -9.56 -15.50 51.15
CA GLY C 126 -8.53 -15.09 52.09
C GLY C 126 -7.71 -16.26 52.56
N ARG C 127 -6.85 -16.04 53.55
CA ARG C 127 -6.07 -17.15 54.12
C ARG C 127 -6.98 -18.13 54.85
N GLU C 128 -6.53 -19.38 54.95
CA GLU C 128 -7.33 -20.47 55.51
C GLU C 128 -7.31 -20.52 57.05
N ASP C 129 -6.33 -19.87 57.67
CA ASP C 129 -6.07 -20.04 59.10
C ASP C 129 -6.51 -18.84 59.97
N GLU C 130 -7.55 -18.13 59.54
CA GLU C 130 -8.06 -16.97 60.28
C GLU C 130 -9.29 -17.35 61.12
N PRO C 131 -9.16 -17.30 62.45
CA PRO C 131 -10.30 -17.68 63.32
C PRO C 131 -11.49 -16.72 63.19
N GLY C 132 -12.67 -17.27 62.96
CA GLY C 132 -13.90 -16.50 62.83
C GLY C 132 -14.26 -16.06 61.41
N HIS C 133 -13.38 -16.34 60.45
CA HIS C 133 -13.58 -15.91 59.06
C HIS C 133 -13.12 -16.97 58.05
N PRO C 134 -13.91 -18.05 57.89
CA PRO C 134 -13.54 -19.09 56.94
C PRO C 134 -13.90 -18.73 55.50
N ASN C 135 -13.17 -19.30 54.55
CA ASN C 135 -13.45 -19.12 53.13
C ASN C 135 -14.70 -19.90 52.73
N PRO C 136 -15.70 -19.22 52.15
CA PRO C 136 -16.91 -19.91 51.72
C PRO C 136 -16.73 -20.58 50.36
N TRP C 137 -16.15 -21.77 50.36
CA TRP C 137 -15.86 -22.49 49.12
C TRP C 137 -17.14 -23.04 48.50
N PRO C 138 -17.18 -23.14 47.16
CA PRO C 138 -18.29 -23.83 46.51
C PRO C 138 -18.14 -25.34 46.65
N ALA C 139 -19.21 -26.07 46.39
CA ALA C 139 -19.18 -27.52 46.47
C ALA C 139 -18.19 -28.10 45.46
N GLU C 140 -17.26 -28.92 45.94
CA GLU C 140 -16.30 -29.62 45.07
C GLU C 140 -17.06 -30.67 44.27
N GLN C 141 -17.34 -30.36 43.01
CA GLN C 141 -18.27 -31.15 42.22
C GLN C 141 -18.17 -30.78 40.74
N ASP C 142 -18.18 -31.80 39.86
CA ASP C 142 -18.06 -31.62 38.41
C ASP C 142 -16.82 -30.73 38.17
N ASP C 143 -16.96 -29.66 37.40
CA ASP C 143 -15.81 -28.85 36.96
C ASP C 143 -15.08 -28.16 38.11
N LEU C 144 -15.77 -27.99 39.24
CA LEU C 144 -15.18 -27.34 40.41
C LEU C 144 -14.35 -28.28 41.29
N VAL C 145 -14.20 -29.54 40.87
CA VAL C 145 -13.33 -30.47 41.57
C VAL C 145 -11.88 -30.03 41.36
N GLY C 146 -11.22 -29.67 42.45
CA GLY C 146 -9.86 -29.14 42.41
C GLY C 146 -9.78 -27.64 42.64
N PHE C 147 -10.95 -26.99 42.76
CA PHE C 147 -11.04 -25.53 42.92
C PHE C 147 -10.27 -25.05 44.15
N LYS C 148 -10.51 -25.69 45.29
CA LYS C 148 -9.93 -25.28 46.57
C LYS C 148 -8.40 -25.35 46.56
N SER C 149 -7.87 -26.51 46.21
CA SER C 149 -6.42 -26.72 46.23
C SER C 149 -5.68 -25.87 45.19
N THR C 150 -6.34 -25.61 44.06
CA THR C 150 -5.76 -24.72 43.03
C THR C 150 -5.61 -23.30 43.58
N MET C 151 -6.69 -22.76 44.11
CA MET C 151 -6.70 -21.39 44.62
C MET C 151 -5.84 -21.20 45.86
N ASN C 152 -5.86 -22.17 46.77
CA ASN C 152 -4.98 -22.11 47.95
C ASN C 152 -3.50 -22.16 47.56
N ASN C 153 -3.18 -22.93 46.54
CA ASN C 153 -1.81 -22.98 46.02
C ASN C 153 -1.41 -21.63 45.42
N PHE C 154 -2.29 -21.05 44.61
CA PHE C 154 -2.03 -19.75 43.96
C PHE C 154 -1.96 -18.62 44.99
N PHE C 155 -2.81 -18.69 46.01
CA PHE C 155 -2.78 -17.74 47.12
C PHE C 155 -1.40 -17.75 47.79
N ASP C 156 -0.87 -18.94 48.03
CA ASP C 156 0.43 -19.10 48.70
C ASP C 156 1.59 -18.60 47.84
N GLN C 157 1.50 -18.79 46.53
CA GLN C 157 2.52 -18.27 45.62
C GLN C 157 2.47 -16.75 45.50
N CYS C 158 1.28 -16.19 45.48
CA CYS C 158 1.11 -14.73 45.45
C CYS C 158 1.61 -14.14 46.77
N LYS C 159 1.29 -14.81 47.87
CA LYS C 159 1.79 -14.44 49.19
C LYS C 159 3.31 -14.33 49.19
N ALA C 160 3.98 -15.32 48.60
CA ALA C 160 5.45 -15.32 48.52
C ALA C 160 5.96 -14.18 47.65
N LEU C 161 5.28 -13.91 46.53
CA LEU C 161 5.68 -12.82 45.64
C LEU C 161 5.58 -11.46 46.34
N HIS C 162 4.53 -11.26 47.11
CA HIS C 162 4.34 -10.02 47.88
C HIS C 162 5.56 -9.73 48.74
N ILE C 163 5.95 -10.72 49.53
CA ILE C 163 7.13 -10.61 50.38
C ILE C 163 8.35 -10.14 49.59
N GLU C 164 8.58 -10.76 48.43
CA GLU C 164 9.74 -10.43 47.61
C GLU C 164 9.66 -9.04 46.97
N VAL C 165 8.46 -8.61 46.60
CA VAL C 165 8.28 -7.26 46.04
C VAL C 165 8.57 -6.19 47.11
N MET C 166 8.12 -6.41 48.34
CA MET C 166 8.40 -5.48 49.44
C MET C 166 9.90 -5.44 49.76
N ARG C 167 10.55 -6.59 49.65
CA ARG C 167 12.01 -6.65 49.81
C ARG C 167 12.71 -5.79 48.74
N ALA C 168 12.20 -5.82 47.52
CA ALA C 168 12.73 -4.99 46.44
C ALA C 168 12.56 -3.50 46.73
N ILE C 169 11.39 -3.15 47.26
CA ILE C 169 11.12 -1.77 47.67
C ILE C 169 12.11 -1.34 48.76
N ALA C 170 12.29 -2.19 49.76
CA ALA C 170 13.23 -1.92 50.86
C ALA C 170 14.67 -1.75 50.37
N VAL C 171 15.09 -2.62 49.46
CA VAL C 171 16.44 -2.51 48.89
C VAL C 171 16.56 -1.24 48.05
N GLY C 172 15.53 -0.94 47.26
CA GLY C 172 15.51 0.30 46.47
C GLY C 172 15.57 1.54 47.34
N MET C 173 14.92 1.49 48.50
CA MET C 173 14.91 2.61 49.44
C MET C 173 16.26 2.80 50.12
N GLY C 174 17.07 1.74 50.16
CA GLY C 174 18.33 1.77 50.88
C GLY C 174 18.14 1.58 52.37
N ILE C 175 17.16 0.73 52.73
CA ILE C 175 16.94 0.35 54.12
C ILE C 175 17.14 -1.16 54.23
N ASP C 176 17.06 -1.69 55.45
CA ASP C 176 17.17 -3.12 55.70
C ASP C 176 16.26 -3.88 54.73
N ALA C 177 16.86 -4.81 53.97
CA ALA C 177 16.16 -5.54 52.93
C ALA C 177 14.95 -6.34 53.44
N ASN C 178 14.98 -6.71 54.71
CA ASN C 178 13.89 -7.47 55.34
C ASN C 178 12.97 -6.62 56.21
N TYR C 179 13.01 -5.29 56.02
CA TYR C 179 12.23 -4.37 56.86
C TYR C 179 10.75 -4.71 56.92
N PHE C 180 10.15 -5.05 55.78
CA PHE C 180 8.71 -5.27 55.71
C PHE C 180 8.24 -6.64 56.20
N ASP C 181 9.17 -7.59 56.35
CA ASP C 181 8.85 -8.97 56.73
C ASP C 181 7.91 -9.04 57.94
N SER C 182 8.26 -8.35 59.02
CA SER C 182 7.49 -8.39 60.26
C SER C 182 6.12 -7.68 60.14
N PHE C 183 5.97 -6.83 59.13
CA PHE C 183 4.71 -6.13 58.90
C PHE C 183 3.74 -6.91 58.01
N VAL C 184 4.23 -7.91 57.28
CA VAL C 184 3.39 -8.62 56.31
C VAL C 184 3.37 -10.15 56.45
N ASP C 185 4.04 -10.69 57.46
CA ASP C 185 4.27 -12.16 57.53
C ASP C 185 3.02 -13.01 57.79
N VAL C 186 1.96 -12.39 58.31
CA VAL C 186 0.71 -13.11 58.58
C VAL C 186 0.02 -13.48 57.27
N GLY C 187 0.14 -12.63 56.25
CA GLY C 187 -0.49 -12.87 54.96
C GLY C 187 -1.98 -12.58 54.98
N ASP C 188 -2.35 -11.44 55.56
CA ASP C 188 -3.75 -11.00 55.57
C ASP C 188 -4.13 -10.40 54.21
N ASN C 189 -4.03 -11.24 53.17
CA ASN C 189 -4.24 -10.82 51.79
C ASN C 189 -5.56 -11.36 51.26
N ILE C 190 -6.05 -10.77 50.18
CA ILE C 190 -7.28 -11.25 49.55
C ILE C 190 -7.05 -11.53 48.05
N LEU C 191 -7.36 -12.75 47.64
CA LEU C 191 -7.33 -13.15 46.24
C LEU C 191 -8.72 -12.89 45.66
N ARG C 192 -8.81 -11.90 44.77
CA ARG C 192 -10.07 -11.56 44.12
C ARG C 192 -10.10 -12.10 42.69
N LEU C 193 -11.00 -13.04 42.43
CA LEU C 193 -11.24 -13.52 41.08
C LEU C 193 -12.28 -12.61 40.44
N LEU C 194 -11.99 -12.11 39.24
CA LEU C 194 -12.87 -11.21 38.52
C LEU C 194 -13.32 -11.82 37.21
N HIS C 195 -14.61 -11.66 36.92
CA HIS C 195 -15.18 -12.03 35.63
C HIS C 195 -16.04 -10.87 35.15
N TYR C 196 -15.69 -10.34 33.98
CA TYR C 196 -16.47 -9.30 33.32
C TYR C 196 -17.19 -9.96 32.16
N PRO C 197 -18.51 -10.23 32.31
CA PRO C 197 -19.22 -10.98 31.26
C PRO C 197 -19.18 -10.34 29.88
N ALA C 198 -19.48 -11.12 28.85
CA ALA C 198 -19.66 -10.59 27.51
C ALA C 198 -20.66 -9.44 27.54
N VAL C 199 -20.34 -8.37 26.82
CA VAL C 199 -21.18 -7.17 26.80
C VAL C 199 -21.16 -6.55 25.41
N LYS C 200 -22.34 -6.14 24.95
CA LYS C 200 -22.48 -5.50 23.65
C LYS C 200 -21.91 -4.09 23.69
N SER C 201 -21.21 -3.71 22.61
CA SER C 201 -20.60 -2.39 22.54
C SER C 201 -21.65 -1.27 22.54
N GLU C 202 -22.87 -1.59 22.11
CA GLU C 202 -23.99 -0.66 22.14
C GLU C 202 -24.22 -0.03 23.52
N VAL C 203 -24.10 -0.85 24.56
CA VAL C 203 -24.22 -0.37 25.93
C VAL C 203 -23.40 0.91 26.14
N PHE C 204 -22.16 0.90 25.66
CA PHE C 204 -21.24 2.00 25.90
C PHE C 204 -21.51 3.21 24.99
N LYS C 205 -22.11 2.97 23.82
CA LYS C 205 -22.57 4.06 22.96
C LYS C 205 -23.86 4.69 23.53
N ILE C 206 -24.75 3.83 24.02
CA ILE C 206 -26.01 4.25 24.63
C ILE C 206 -25.80 5.00 25.94
N ASN C 207 -24.97 4.40 26.80
CA ASN C 207 -24.96 4.72 28.23
C ASN C 207 -23.61 5.29 28.67
N PRO C 208 -23.00 6.16 27.83
CA PRO C 208 -21.58 6.47 28.01
C PRO C 208 -21.25 7.02 29.40
N GLY C 209 -19.99 6.87 29.79
CA GLY C 209 -19.60 6.94 31.20
C GLY C 209 -19.76 5.56 31.82
N GLN C 210 -20.33 4.62 31.07
CA GLN C 210 -20.44 3.24 31.51
C GLN C 210 -19.06 2.60 31.43
N VAL C 211 -18.72 1.83 32.46
CA VAL C 211 -17.43 1.15 32.56
C VAL C 211 -17.62 -0.29 33.03
N ARG C 212 -16.54 -1.06 32.94
CA ARG C 212 -16.52 -2.42 33.47
C ARG C 212 -16.11 -2.42 34.94
N ALA C 213 -15.15 -1.57 35.29
CA ALA C 213 -14.80 -1.35 36.69
C ALA C 213 -14.61 0.14 36.96
N GLY C 214 -15.33 0.65 37.96
CA GLY C 214 -15.32 2.07 38.27
C GLY C 214 -13.96 2.54 38.75
N GLU C 215 -13.63 3.80 38.45
CA GLU C 215 -12.35 4.36 38.85
C GLU C 215 -12.19 4.39 40.37
N HIS C 216 -10.99 4.03 40.83
CA HIS C 216 -10.71 3.92 42.26
C HIS C 216 -9.22 3.82 42.51
N THR C 217 -8.85 3.86 43.79
CA THR C 217 -7.53 3.46 44.25
C THR C 217 -7.69 2.23 45.15
N ASP C 218 -6.69 1.36 45.12
CA ASP C 218 -6.66 0.19 46.00
C ASP C 218 -6.26 0.61 47.41
N TYR C 219 -6.59 -0.21 48.40
CA TYR C 219 -6.51 0.20 49.82
C TYR C 219 -5.21 -0.18 50.53
N GLY C 220 -4.57 -1.26 50.09
CA GLY C 220 -3.52 -1.91 50.89
C GLY C 220 -2.10 -1.48 50.59
N SER C 221 -1.18 -2.43 50.70
CA SER C 221 0.24 -2.19 50.41
C SER C 221 0.47 -2.24 48.91
N ILE C 222 0.34 -3.44 48.32
CA ILE C 222 0.35 -3.58 46.87
C ILE C 222 -0.76 -4.52 46.40
N THR C 223 -1.04 -4.44 45.10
CA THR C 223 -1.94 -5.36 44.44
C THR C 223 -1.22 -6.03 43.27
N LEU C 224 -1.32 -7.35 43.19
CA LEU C 224 -0.79 -8.10 42.05
C LEU C 224 -1.96 -8.39 41.11
N LEU C 225 -1.91 -7.80 39.92
CA LEU C 225 -3.00 -7.93 38.97
C LEU C 225 -2.59 -8.77 37.77
N PHE C 226 -3.25 -9.92 37.63
CA PHE C 226 -3.06 -10.81 36.50
C PHE C 226 -4.24 -10.58 35.57
N GLN C 227 -3.98 -10.15 34.35
CA GLN C 227 -5.05 -9.92 33.38
C GLN C 227 -4.87 -10.79 32.15
N ASP C 228 -5.98 -11.13 31.51
CA ASP C 228 -5.96 -11.84 30.22
C ASP C 228 -5.67 -10.83 29.10
N SER C 229 -5.85 -11.25 27.85
CA SER C 229 -5.46 -10.42 26.71
C SER C 229 -6.57 -9.52 26.15
N ARG C 230 -7.71 -9.44 26.84
CA ARG C 230 -8.85 -8.66 26.36
C ARG C 230 -8.57 -7.15 26.35
N GLY C 231 -7.88 -6.67 27.38
CA GLY C 231 -7.59 -5.25 27.49
C GLY C 231 -8.71 -4.49 28.21
N GLY C 232 -8.50 -3.20 28.42
CA GLY C 232 -9.49 -2.34 29.08
C GLY C 232 -9.02 -1.69 30.36
N LEU C 233 -7.96 -2.23 30.97
CA LEU C 233 -7.37 -1.62 32.15
C LEU C 233 -6.77 -0.27 31.77
N GLN C 234 -7.09 0.76 32.55
CA GLN C 234 -6.52 2.09 32.35
C GLN C 234 -5.98 2.69 33.64
N VAL C 235 -4.90 3.45 33.52
CA VAL C 235 -4.25 4.07 34.66
C VAL C 235 -4.22 5.57 34.41
N LYS C 236 -4.59 6.35 35.42
CA LYS C 236 -4.69 7.79 35.23
C LYS C 236 -3.31 8.41 35.26
N SER C 237 -3.02 9.23 34.25
CA SER C 237 -1.72 9.88 34.14
C SER C 237 -1.59 10.97 35.19
N PRO C 238 -0.34 11.44 35.44
CA PRO C 238 -0.17 12.58 36.33
C PRO C 238 -0.74 13.89 35.75
N ASN C 239 -1.07 13.91 34.46
CA ASN C 239 -1.74 15.06 33.87
C ASN C 239 -3.24 14.89 33.68
N GLY C 240 -3.80 13.87 34.35
CA GLY C 240 -5.26 13.75 34.52
C GLY C 240 -6.03 13.03 33.42
N GLN C 241 -5.34 12.25 32.60
CA GLN C 241 -5.98 11.47 31.54
C GLN C 241 -5.73 9.97 31.73
N PHE C 242 -6.75 9.17 31.44
CA PHE C 242 -6.62 7.72 31.52
C PHE C 242 -5.86 7.17 30.32
N ILE C 243 -4.86 6.33 30.60
CA ILE C 243 -4.01 5.71 29.59
C ILE C 243 -4.21 4.20 29.63
N ASP C 244 -4.34 3.57 28.46
CA ASP C 244 -4.43 2.10 28.37
C ASP C 244 -3.21 1.42 28.98
N ALA C 245 -3.45 0.47 29.89
CA ALA C 245 -2.42 -0.42 30.37
C ALA C 245 -2.55 -1.74 29.63
N THR C 246 -1.94 -1.80 28.46
CA THR C 246 -2.08 -2.93 27.53
C THR C 246 -1.59 -4.24 28.13
N PRO C 247 -2.31 -5.35 27.88
CA PRO C 247 -1.81 -6.65 28.29
C PRO C 247 -0.48 -7.00 27.61
N ILE C 248 0.51 -7.42 28.41
CA ILE C 248 1.76 -7.97 27.90
C ILE C 248 1.84 -9.41 28.39
N GLU C 249 2.22 -10.32 27.50
CA GLU C 249 2.16 -11.76 27.80
C GLU C 249 3.07 -12.13 28.98
N ASN C 250 2.54 -12.95 29.88
CA ASN C 250 3.29 -13.44 31.05
C ASN C 250 3.86 -12.32 31.92
N THR C 251 3.06 -11.30 32.16
CA THR C 251 3.43 -10.22 33.09
C THR C 251 2.41 -10.14 34.20
N VAL C 252 2.83 -9.57 35.34
CA VAL C 252 1.90 -9.18 36.40
C VAL C 252 1.98 -7.67 36.52
N VAL C 253 0.82 -7.02 36.59
CA VAL C 253 0.76 -5.59 36.84
C VAL C 253 0.71 -5.41 38.34
N VAL C 254 1.63 -4.60 38.87
CA VAL C 254 1.74 -4.40 40.31
C VAL C 254 1.54 -2.93 40.61
N ASN C 255 0.62 -2.63 41.51
CA ASN C 255 0.37 -1.25 41.89
C ASN C 255 0.31 -1.09 43.41
N ALA C 256 0.78 0.06 43.86
CA ALA C 256 0.76 0.39 45.28
C ALA C 256 -0.65 0.83 45.67
N GLY C 257 -1.01 0.55 46.91
CA GLY C 257 -2.32 0.93 47.45
C GLY C 257 -2.23 2.09 48.41
N ASP C 258 -3.39 2.57 48.85
CA ASP C 258 -3.45 3.77 49.69
C ASP C 258 -2.69 3.65 50.99
N LEU C 259 -2.64 2.45 51.57
CA LEU C 259 -1.93 2.27 52.83
C LEU C 259 -0.42 2.41 52.65
N LEU C 260 0.12 1.90 51.55
CA LEU C 260 1.55 2.07 51.26
C LEU C 260 1.87 3.54 50.93
N ALA C 261 1.01 4.17 50.13
CA ALA C 261 1.17 5.61 49.86
C ALA C 261 1.38 6.36 51.17
N ARG C 262 0.46 6.13 52.11
CA ARG C 262 0.49 6.77 53.42
C ARG C 262 1.72 6.35 54.24
N TRP C 263 1.95 5.05 54.30
CA TRP C 263 3.10 4.43 54.98
C TRP C 263 4.43 5.03 54.50
N SER C 264 4.51 5.34 53.20
CA SER C 264 5.70 5.89 52.58
C SER C 264 5.84 7.41 52.74
N ASN C 265 4.92 8.03 53.46
CA ASN C 265 4.83 9.49 53.56
C ASN C 265 4.65 10.13 52.18
N ASP C 266 3.86 9.46 51.34
CA ASP C 266 3.57 9.89 49.96
C ASP C 266 4.78 9.98 49.04
N THR C 267 5.82 9.19 49.32
CA THR C 267 6.94 9.05 48.39
C THR C 267 6.57 8.02 47.33
N ILE C 268 5.75 7.05 47.71
CA ILE C 268 5.18 6.08 46.77
C ILE C 268 3.74 6.50 46.47
N LYS C 269 3.35 6.39 45.20
CA LYS C 269 2.02 6.80 44.75
C LYS C 269 1.04 5.63 44.73
N SER C 270 -0.21 5.91 45.11
CA SER C 270 -1.32 5.01 44.88
C SER C 270 -2.21 5.67 43.83
N THR C 271 -2.29 5.03 42.66
CA THR C 271 -2.79 5.69 41.45
C THR C 271 -4.19 5.23 41.07
N VAL C 272 -4.98 6.16 40.55
CA VAL C 272 -6.35 5.89 40.14
C VAL C 272 -6.32 5.02 38.89
N HIS C 273 -7.19 4.02 38.86
CA HIS C 273 -7.33 3.15 37.70
C HIS C 273 -8.76 2.65 37.56
N ARG C 274 -9.07 2.13 36.38
CA ARG C 274 -10.40 1.65 36.05
C ARG C 274 -10.29 0.60 34.95
N VAL C 275 -11.40 -0.07 34.68
CA VAL C 275 -11.50 -0.96 33.53
C VAL C 275 -12.66 -0.49 32.65
N VAL C 276 -12.35 -0.18 31.40
CA VAL C 276 -13.34 0.31 30.44
C VAL C 276 -13.57 -0.72 29.35
N GLU C 277 -14.41 -0.36 28.38
CA GLU C 277 -14.59 -1.11 27.15
C GLU C 277 -13.22 -1.40 26.53
N PRO C 278 -12.98 -2.65 26.12
CA PRO C 278 -11.67 -2.92 25.52
C PRO C 278 -11.46 -2.08 24.26
N PRO C 279 -10.20 -1.73 23.94
CA PRO C 279 -9.92 -0.87 22.80
C PRO C 279 -9.89 -1.67 21.50
N LYS C 280 -11.00 -2.35 21.21
CA LYS C 280 -11.13 -3.18 20.02
C LYS C 280 -12.55 -3.04 19.49
N GLN C 281 -12.68 -2.75 18.20
CA GLN C 281 -13.99 -2.55 17.60
C GLN C 281 -14.62 -3.90 17.24
N GLU C 282 -15.72 -4.20 17.91
CA GLU C 282 -16.45 -5.46 17.72
C GLU C 282 -17.86 -5.29 18.25
N ASP C 283 -18.77 -6.09 17.73
CA ASP C 283 -20.19 -6.03 18.10
C ASP C 283 -20.38 -6.43 19.55
N VAL C 284 -19.77 -7.55 19.93
CA VAL C 284 -19.84 -8.05 21.29
C VAL C 284 -18.43 -8.21 21.83
N HIS C 285 -18.17 -7.58 22.98
CA HIS C 285 -16.92 -7.78 23.68
C HIS C 285 -17.02 -9.08 24.46
N PRO C 286 -16.11 -10.04 24.19
CA PRO C 286 -16.18 -11.31 24.90
C PRO C 286 -15.85 -11.18 26.39
N PRO C 287 -16.06 -12.26 27.17
CA PRO C 287 -15.76 -12.22 28.59
C PRO C 287 -14.30 -11.83 28.88
N ARG C 288 -14.09 -11.03 29.92
CA ARG C 288 -12.73 -10.70 30.36
C ARG C 288 -12.52 -11.26 31.75
N TYR C 289 -11.37 -11.91 31.95
CA TYR C 289 -10.99 -12.43 33.25
C TYR C 289 -9.76 -11.71 33.76
N SER C 290 -9.75 -11.42 35.05
CA SER C 290 -8.55 -10.93 35.71
C SER C 290 -8.53 -11.45 37.13
N ILE C 291 -7.37 -11.39 37.75
CA ILE C 291 -7.22 -11.80 39.15
C ILE C 291 -6.41 -10.73 39.86
N ALA C 292 -7.01 -10.15 40.90
CA ALA C 292 -6.36 -9.14 41.72
C ALA C 292 -6.03 -9.75 43.08
N TYR C 293 -4.74 -9.81 43.39
CA TYR C 293 -4.30 -10.27 44.70
C TYR C 293 -3.96 -9.05 45.56
N PHE C 294 -4.88 -8.68 46.44
CA PHE C 294 -4.73 -7.52 47.31
C PHE C 294 -3.85 -7.87 48.50
N CYS C 295 -2.66 -7.27 48.55
CA CYS C 295 -1.74 -7.48 49.66
C CYS C 295 -1.93 -6.39 50.70
N ASN C 296 -1.87 -6.79 51.97
CA ASN C 296 -2.01 -5.86 53.07
C ASN C 296 -0.94 -6.12 54.13
N PRO C 297 -0.63 -5.11 54.95
CA PRO C 297 0.12 -5.37 56.17
C PRO C 297 -0.72 -6.23 57.12
N ASN C 298 -0.09 -6.81 58.13
CA ASN C 298 -0.82 -7.59 59.13
C ASN C 298 -1.88 -6.70 59.79
N HIS C 299 -3.04 -7.27 60.08
CA HIS C 299 -4.14 -6.52 60.70
C HIS C 299 -3.72 -5.77 61.97
N LYS C 300 -2.86 -6.39 62.77
CA LYS C 300 -2.43 -5.79 64.04
C LYS C 300 -1.24 -4.83 63.89
N SER C 301 -0.71 -4.67 62.67
CA SER C 301 0.39 -3.74 62.40
C SER C 301 -0.02 -2.29 62.58
N TYR C 302 0.91 -1.48 63.08
CA TYR C 302 0.71 -0.05 63.25
C TYR C 302 1.50 0.68 62.15
N ILE C 303 0.81 1.53 61.39
CA ILE C 303 1.37 2.13 60.19
C ILE C 303 1.75 3.59 60.43
N GLU C 304 3.05 3.86 60.48
CA GLU C 304 3.57 5.23 60.46
C GLU C 304 4.80 5.29 59.56
N ALA C 305 5.25 6.51 59.25
CA ALA C 305 6.24 6.73 58.20
C ALA C 305 7.43 5.76 58.22
N ILE C 306 7.74 5.21 57.05
CA ILE C 306 8.88 4.32 56.86
C ILE C 306 10.18 5.13 57.01
N PRO C 307 11.17 4.59 57.75
CA PRO C 307 12.43 5.35 57.91
C PRO C 307 13.06 5.69 56.56
N GLY C 308 13.55 6.92 56.41
CA GLY C 308 14.13 7.40 55.15
C GLY C 308 13.18 8.19 54.26
N THR C 309 11.88 8.12 54.51
CA THR C 309 10.87 8.83 53.70
C THR C 309 10.58 10.24 54.21
N TYR C 310 11.35 10.70 55.20
CA TYR C 310 11.22 12.05 55.74
C TYR C 310 12.53 12.44 56.41
N ALA C 311 12.99 13.66 56.18
CA ALA C 311 14.21 14.16 56.82
C ALA C 311 13.91 14.53 58.27
N ALA C 312 13.10 15.57 58.46
CA ALA C 312 12.70 16.03 59.78
C ALA C 312 11.29 15.56 60.12
N GLU C 313 10.93 15.62 61.39
CA GLU C 313 9.60 15.19 61.85
C GLU C 313 8.46 16.05 61.30
N SER C 314 8.74 17.31 61.00
CA SER C 314 7.73 18.20 60.40
C SER C 314 7.29 17.76 59.00
N GLU C 315 8.08 16.92 58.35
CA GLU C 315 7.75 16.40 57.03
C GLU C 315 6.78 15.21 57.07
N ARG C 316 6.55 14.64 58.25
CA ARG C 316 5.54 13.59 58.41
C ARG C 316 4.14 14.14 58.16
N LYS C 317 3.45 13.58 57.17
CA LYS C 317 2.14 14.09 56.77
C LYS C 317 0.96 13.49 57.54
N TYR C 318 1.13 12.28 58.07
CA TYR C 318 0.00 11.51 58.60
C TYR C 318 0.20 10.98 60.01
N GLU C 319 -0.84 11.08 60.84
CA GLU C 319 -0.90 10.34 62.10
C GLU C 319 -0.83 8.84 61.83
N GLY C 320 -0.29 8.09 62.79
CA GLY C 320 -0.23 6.64 62.69
C GLY C 320 -1.61 6.01 62.78
N ILE C 321 -1.78 4.87 62.11
CA ILE C 321 -3.06 4.15 62.12
C ILE C 321 -2.86 2.64 62.17
N ASN C 322 -3.84 1.94 62.74
CA ASN C 322 -3.85 0.49 62.72
C ASN C 322 -4.29 -0.02 61.35
N SER C 323 -3.51 -0.94 60.79
CA SER C 323 -3.77 -1.44 59.44
C SER C 323 -5.15 -2.09 59.32
N GLY C 324 -5.45 -3.02 60.22
CA GLY C 324 -6.71 -3.74 60.20
C GLY C 324 -7.93 -2.83 60.28
N LYS C 325 -7.89 -1.89 61.22
CA LYS C 325 -8.98 -0.92 61.40
C LYS C 325 -9.16 -0.04 60.16
N TYR C 326 -8.05 0.38 59.56
CA TYR C 326 -8.09 1.19 58.35
C TYR C 326 -8.79 0.46 57.20
N LEU C 327 -8.40 -0.79 56.96
CA LEU C 327 -8.96 -1.57 55.86
C LEU C 327 -10.45 -1.85 55.99
N VAL C 328 -10.88 -2.21 57.20
CA VAL C 328 -12.30 -2.50 57.42
C VAL C 328 -13.17 -1.25 57.17
N GLN C 329 -12.68 -0.09 57.59
CA GLN C 329 -13.35 1.18 57.32
C GLN C 329 -13.53 1.43 55.82
N ARG C 330 -12.47 1.20 55.03
CA ARG C 330 -12.54 1.38 53.58
C ARG C 330 -13.57 0.42 52.97
N LEU C 331 -13.53 -0.83 53.41
CA LEU C 331 -14.45 -1.86 52.92
C LEU C 331 -15.88 -1.65 53.40
N ALA C 332 -16.04 -1.15 54.63
CA ALA C 332 -17.36 -0.94 55.22
C ALA C 332 -18.14 0.17 54.50
N ALA C 333 -17.42 1.13 53.96
CA ALA C 333 -18.02 2.21 53.17
C ALA C 333 -18.60 1.71 51.84
N THR C 334 -18.07 0.59 51.31
CA THR C 334 -18.58 0.02 50.06
C THR C 334 -20.01 -0.48 50.25
N LYS D 5 22.36 15.97 -53.02
CA LYS D 5 21.75 17.33 -52.93
C LYS D 5 20.31 17.37 -53.48
N ALA D 6 19.63 18.49 -53.25
CA ALA D 6 18.16 18.61 -53.22
C ALA D 6 17.30 17.82 -54.23
N ALA D 7 16.19 17.27 -53.72
CA ALA D 7 15.12 16.69 -54.55
C ALA D 7 14.24 17.79 -55.13
N VAL D 8 14.07 18.88 -54.38
CA VAL D 8 13.32 20.06 -54.84
C VAL D 8 14.06 21.31 -54.38
N ASN D 9 14.14 22.31 -55.26
CA ASN D 9 14.73 23.59 -54.91
C ASN D 9 14.11 24.70 -55.77
N GLU D 10 13.13 25.39 -55.20
CA GLU D 10 12.39 26.42 -55.94
C GLU D 10 11.58 27.32 -55.00
N ASP D 11 11.67 28.63 -55.22
CA ASP D 11 10.88 29.63 -54.51
C ASP D 11 11.12 29.62 -52.99
N GLY D 12 12.34 29.26 -52.59
CA GLY D 12 12.68 29.15 -51.17
C GLY D 12 12.42 27.79 -50.55
N LEU D 13 11.72 26.91 -51.27
CA LEU D 13 11.43 25.55 -50.80
C LEU D 13 12.56 24.62 -51.21
N VAL D 14 13.27 24.09 -50.21
CA VAL D 14 14.38 23.18 -50.44
C VAL D 14 14.10 21.85 -49.73
N ILE D 15 13.79 20.82 -50.50
CA ILE D 15 13.54 19.49 -49.96
C ILE D 15 14.76 18.61 -50.23
N PRO D 16 15.49 18.21 -49.17
CA PRO D 16 16.69 17.41 -49.38
C PRO D 16 16.40 15.98 -49.78
N LEU D 17 17.35 15.36 -50.48
CA LEU D 17 17.34 13.93 -50.76
C LEU D 17 18.42 13.29 -49.90
N ILE D 18 18.01 12.47 -48.95
CA ILE D 18 18.90 11.95 -47.91
C ILE D 18 18.99 10.42 -47.95
N ASP D 19 20.21 9.92 -47.78
CA ASP D 19 20.48 8.48 -47.76
C ASP D 19 20.33 7.98 -46.33
N PHE D 20 19.21 7.33 -46.04
CA PHE D 20 18.88 6.91 -44.66
C PHE D 20 19.81 5.83 -44.12
N SER D 21 20.38 5.01 -45.01
CA SER D 21 21.32 3.97 -44.58
C SER D 21 22.55 4.55 -43.88
N LYS D 22 22.87 5.81 -44.18
CA LYS D 22 23.98 6.50 -43.52
C LYS D 22 23.66 6.85 -42.06
N PHE D 23 22.38 7.00 -41.75
CA PHE D 23 21.97 7.17 -40.36
C PHE D 23 21.98 5.82 -39.62
N LEU D 24 21.43 4.79 -40.27
CA LEU D 24 21.31 3.48 -39.66
C LEU D 24 22.64 2.71 -39.59
N GLU D 25 23.43 2.80 -40.66
CA GLU D 25 24.65 1.98 -40.78
C GLU D 25 25.96 2.78 -40.77
N GLY D 26 25.87 4.11 -40.75
CA GLY D 26 27.06 4.96 -40.73
C GLY D 26 27.74 4.97 -39.38
N ASP D 27 29.02 5.38 -39.37
CA ASP D 27 29.75 5.60 -38.13
C ASP D 27 29.20 6.85 -37.42
N GLU D 28 29.67 7.10 -36.20
CA GLU D 28 29.07 8.12 -35.33
C GLU D 28 29.03 9.55 -35.91
N THR D 29 30.09 9.95 -36.64
CA THR D 29 30.13 11.27 -37.25
C THR D 29 29.15 11.38 -38.41
N LEU D 30 29.15 10.39 -39.29
CA LEU D 30 28.26 10.38 -40.44
C LEU D 30 26.80 10.23 -40.01
N LYS D 31 26.57 9.45 -38.96
CA LYS D 31 25.24 9.30 -38.37
C LYS D 31 24.70 10.64 -37.91
N LEU D 32 25.55 11.41 -37.23
CA LEU D 32 25.19 12.74 -36.73
C LEU D 32 24.95 13.73 -37.88
N GLU D 33 25.82 13.71 -38.89
CA GLU D 33 25.67 14.59 -40.06
C GLU D 33 24.34 14.32 -40.76
N THR D 34 24.04 13.04 -40.97
CA THR D 34 22.80 12.65 -41.63
C THR D 34 21.58 13.06 -40.80
N ALA D 35 21.64 12.83 -39.49
CA ALA D 35 20.55 13.19 -38.58
C ALA D 35 20.27 14.69 -38.63
N LYS D 36 21.33 15.50 -38.62
CA LYS D 36 21.22 16.96 -38.71
C LYS D 36 20.58 17.40 -40.03
N ALA D 37 20.93 16.72 -41.12
CA ALA D 37 20.35 16.99 -42.44
C ALA D 37 18.87 16.64 -42.46
N ILE D 38 18.51 15.53 -41.83
CA ILE D 38 17.11 15.12 -41.73
C ILE D 38 16.33 16.18 -40.96
N LEU D 39 16.84 16.56 -39.79
CA LEU D 39 16.19 17.56 -38.96
C LEU D 39 16.08 18.91 -39.68
N HIS D 40 17.16 19.32 -40.33
CA HIS D 40 17.17 20.60 -41.03
C HIS D 40 16.05 20.68 -42.07
N GLY D 41 15.84 19.60 -42.83
CA GLY D 41 14.73 19.50 -43.78
C GLY D 41 13.37 19.72 -43.15
N PHE D 42 13.12 19.01 -42.05
CA PHE D 42 11.87 19.15 -41.31
C PHE D 42 11.69 20.57 -40.71
N GLN D 43 12.81 21.21 -40.35
CA GLN D 43 12.77 22.55 -39.76
C GLN D 43 12.56 23.65 -40.80
N THR D 44 12.70 23.31 -42.09
CA THR D 44 12.66 24.31 -43.15
C THR D 44 11.52 24.01 -44.13
N ALA D 45 11.68 22.98 -44.95
CA ALA D 45 10.63 22.58 -45.90
C ALA D 45 9.46 21.85 -45.22
N GLY D 46 9.75 21.15 -44.13
CA GLY D 46 8.78 20.25 -43.51
C GLY D 46 8.67 18.92 -44.22
N PHE D 47 9.47 18.74 -45.28
CA PHE D 47 9.45 17.59 -46.17
C PHE D 47 10.88 17.18 -46.46
N ILE D 48 11.13 15.88 -46.49
CA ILE D 48 12.38 15.32 -47.01
C ILE D 48 12.07 14.12 -47.91
N TYR D 49 13.05 13.74 -48.73
CA TYR D 49 13.02 12.48 -49.47
C TYR D 49 14.09 11.57 -48.87
N LEU D 50 13.71 10.35 -48.53
CA LEU D 50 14.67 9.36 -48.06
C LEU D 50 14.88 8.29 -49.12
N LYS D 51 16.14 7.93 -49.34
CA LYS D 51 16.48 6.78 -50.18
C LYS D 51 17.22 5.75 -49.32
N ASN D 52 17.40 4.55 -49.88
CA ASN D 52 18.05 3.43 -49.17
C ASN D 52 17.48 3.23 -47.77
N ILE D 53 16.17 3.02 -47.71
CA ILE D 53 15.48 2.71 -46.46
C ILE D 53 15.43 1.19 -46.28
N PRO D 54 15.22 0.70 -45.04
CA PRO D 54 15.17 -0.75 -44.77
C PRO D 54 14.10 -1.52 -45.56
N ILE D 55 13.04 -0.83 -45.99
CA ILE D 55 11.99 -1.44 -46.80
C ILE D 55 12.51 -1.66 -48.22
N GLN D 56 12.57 -2.92 -48.64
CA GLN D 56 13.14 -3.28 -49.94
C GLN D 56 12.18 -2.94 -51.09
N PRO D 57 12.73 -2.55 -52.26
CA PRO D 57 11.94 -2.13 -53.42
C PRO D 57 10.98 -3.20 -53.98
N ASP D 58 11.44 -4.43 -54.11
CA ASP D 58 10.61 -5.51 -54.65
C ASP D 58 9.36 -5.74 -53.78
N PHE D 59 9.55 -5.71 -52.46
CA PHE D 59 8.42 -5.85 -51.53
C PHE D 59 7.46 -4.68 -51.67
N ARG D 60 8.00 -3.47 -51.77
CA ARG D 60 7.19 -2.27 -52.00
C ARG D 60 6.34 -2.41 -53.25
N GLU D 61 6.94 -2.88 -54.34
CA GLU D 61 6.21 -3.12 -55.59
C GLU D 61 5.09 -4.14 -55.40
N HIS D 62 5.38 -5.22 -54.67
CA HIS D 62 4.36 -6.22 -54.33
C HIS D 62 3.21 -5.59 -53.55
N VAL D 63 3.53 -4.72 -52.59
CA VAL D 63 2.52 -4.03 -51.79
C VAL D 63 1.64 -3.13 -52.67
N PHE D 64 2.26 -2.44 -53.63
CA PHE D 64 1.52 -1.63 -54.59
C PHE D 64 0.63 -2.46 -55.52
N ASN D 65 1.13 -3.61 -55.96
CA ASN D 65 0.33 -4.53 -56.77
C ASN D 65 -0.84 -5.10 -55.98
N THR D 66 -0.58 -5.46 -54.72
CA THR D 66 -1.62 -5.93 -53.82
C THR D 66 -2.69 -4.86 -53.59
N SER D 67 -2.27 -3.60 -53.52
CA SER D 67 -3.20 -2.47 -53.37
C SER D 67 -4.09 -2.33 -54.60
N ALA D 68 -3.48 -2.34 -55.77
CA ALA D 68 -4.22 -2.18 -57.03
C ALA D 68 -5.29 -3.26 -57.21
N LYS D 69 -5.01 -4.46 -56.72
CA LYS D 69 -5.97 -5.56 -56.77
C LYS D 69 -7.21 -5.27 -55.92
N PHE D 70 -7.02 -4.69 -54.74
CA PHE D 70 -8.15 -4.33 -53.87
C PHE D 70 -9.05 -3.31 -54.55
N PHE D 71 -8.45 -2.31 -55.18
CA PHE D 71 -9.23 -1.24 -55.83
C PHE D 71 -9.87 -1.69 -57.14
N LYS D 72 -9.40 -2.80 -57.71
CA LYS D 72 -10.04 -3.40 -58.89
C LYS D 72 -11.35 -4.12 -58.56
N LEU D 73 -11.59 -4.41 -57.28
CA LEU D 73 -12.87 -4.96 -56.82
C LEU D 73 -14.04 -4.08 -57.24
N PRO D 74 -15.22 -4.69 -57.43
CA PRO D 74 -16.41 -3.90 -57.76
C PRO D 74 -16.85 -3.01 -56.60
N LYS D 75 -17.60 -1.95 -56.91
CA LYS D 75 -18.00 -0.96 -55.92
C LYS D 75 -18.76 -1.56 -54.73
N GLU D 76 -19.50 -2.64 -54.96
CA GLU D 76 -20.30 -3.28 -53.90
C GLU D 76 -19.41 -3.90 -52.82
N LYS D 77 -18.31 -4.53 -53.25
CA LYS D 77 -17.39 -5.20 -52.33
C LYS D 77 -16.67 -4.22 -51.41
N LYS D 78 -16.20 -3.11 -51.99
CA LYS D 78 -15.43 -2.12 -51.25
C LYS D 78 -16.28 -1.34 -50.25
N LEU D 79 -17.57 -1.16 -50.56
CA LEU D 79 -18.51 -0.52 -49.61
C LEU D 79 -18.79 -1.41 -48.39
N GLU D 80 -18.65 -2.74 -48.56
CA GLU D 80 -18.88 -3.68 -47.46
C GLU D 80 -17.83 -3.57 -46.34
N VAL D 81 -16.70 -2.92 -46.64
CA VAL D 81 -15.66 -2.66 -45.64
C VAL D 81 -15.42 -1.16 -45.53
N GLY D 82 -16.52 -0.42 -45.34
CA GLY D 82 -16.48 1.04 -45.33
C GLY D 82 -15.96 1.68 -44.07
N TRP D 83 -15.55 2.94 -44.18
CA TRP D 83 -15.09 3.75 -43.06
C TRP D 83 -16.27 4.04 -42.14
N THR D 84 -16.10 3.83 -40.84
CA THR D 84 -17.20 4.00 -39.87
C THR D 84 -17.06 5.29 -39.06
N THR D 85 -16.15 5.32 -38.09
CA THR D 85 -16.02 6.46 -37.17
C THR D 85 -14.58 6.97 -37.06
N PRO D 86 -14.41 8.24 -36.63
CA PRO D 86 -13.09 8.84 -36.43
C PRO D 86 -12.22 8.15 -35.36
N GLU D 87 -12.84 7.64 -34.30
CA GLU D 87 -12.11 6.94 -33.24
C GLU D 87 -11.54 5.60 -33.72
N ALA D 88 -12.13 5.02 -34.76
CA ALA D 88 -11.63 3.80 -35.37
C ALA D 88 -10.66 4.12 -36.51
N ASN D 89 -11.12 4.96 -37.44
CA ASN D 89 -10.30 5.47 -38.55
C ASN D 89 -9.79 4.37 -39.49
N ARG D 90 -10.67 3.42 -39.80
CA ARG D 90 -10.30 2.24 -40.59
C ARG D 90 -11.39 1.91 -41.60
N GLY D 91 -10.98 1.47 -42.79
CA GLY D 91 -11.91 1.01 -43.83
C GLY D 91 -11.78 1.75 -45.14
N TYR D 92 -12.68 1.42 -46.06
CA TYR D 92 -12.70 2.01 -47.40
C TYR D 92 -13.46 3.34 -47.42
N SER D 93 -13.03 4.25 -48.29
CA SER D 93 -13.66 5.56 -48.40
C SER D 93 -13.57 6.12 -49.83
N ALA D 94 -14.63 6.82 -50.25
CA ALA D 94 -14.67 7.50 -51.54
C ALA D 94 -15.49 8.80 -51.39
N PRO D 95 -14.89 9.96 -51.73
CA PRO D 95 -15.63 11.21 -51.59
C PRO D 95 -16.93 11.28 -52.41
N GLY D 96 -18.06 11.05 -51.74
CA GLY D 96 -19.36 11.19 -52.38
C GLY D 96 -19.75 12.65 -52.50
N ARG D 97 -20.78 12.92 -53.30
CA ARG D 97 -21.29 14.29 -53.46
C ARG D 97 -22.36 14.53 -52.39
N GLU D 98 -22.29 15.69 -51.74
CA GLU D 98 -23.30 16.09 -50.77
C GLU D 98 -24.62 16.32 -51.50
N LYS D 99 -25.73 15.85 -50.92
CA LYS D 99 -27.04 15.97 -51.55
C LYS D 99 -27.82 17.16 -51.01
N VAL D 100 -28.57 17.81 -51.91
CA VAL D 100 -29.51 18.85 -51.52
C VAL D 100 -30.70 18.17 -50.85
N THR D 101 -31.09 18.68 -49.69
CA THR D 101 -32.25 18.17 -48.98
C THR D 101 -33.09 19.32 -48.42
N GLN D 102 -34.27 18.98 -47.92
CA GLN D 102 -35.17 19.94 -47.27
C GLN D 102 -34.52 20.71 -46.12
N LEU D 103 -33.47 20.14 -45.53
CA LEU D 103 -32.77 20.74 -44.38
C LEU D 103 -31.66 21.74 -44.75
N THR D 104 -31.11 21.64 -45.96
CA THR D 104 -30.00 22.52 -46.37
C THR D 104 -30.46 23.97 -46.55
N ASP D 105 -29.61 24.92 -46.16
CA ASP D 105 -29.92 26.33 -46.37
C ASP D 105 -29.58 26.70 -47.82
N PRO D 106 -30.34 27.67 -48.38
CA PRO D 106 -30.28 27.92 -49.82
C PRO D 106 -29.08 28.73 -50.29
N ALA D 107 -28.36 29.37 -49.37
CA ALA D 107 -27.13 30.09 -49.72
C ALA D 107 -26.05 29.16 -50.25
N GLU D 108 -26.06 27.90 -49.78
CA GLU D 108 -25.05 26.92 -50.13
C GLU D 108 -25.56 25.79 -51.05
N ILE D 109 -26.78 25.94 -51.57
CA ILE D 109 -27.28 25.00 -52.59
C ILE D 109 -26.51 25.16 -53.90
N GLU D 110 -26.09 26.40 -54.19
CA GLU D 110 -25.23 26.69 -55.33
C GLU D 110 -23.93 25.90 -55.21
N LYS D 111 -23.29 26.03 -54.04
CA LYS D 111 -22.04 25.33 -53.73
C LYS D 111 -22.18 23.83 -53.89
N ILE D 112 -23.19 23.25 -53.24
CA ILE D 112 -23.38 21.81 -53.20
C ILE D 112 -23.54 21.22 -54.61
N ARG D 113 -24.37 21.86 -55.43
CA ARG D 113 -24.59 21.41 -56.81
C ARG D 113 -23.34 21.50 -57.67
N SER D 114 -22.53 22.53 -57.44
CA SER D 114 -21.32 22.76 -58.24
C SER D 114 -20.07 22.07 -57.66
N ALA D 115 -20.18 21.55 -56.44
CA ALA D 115 -19.04 20.94 -55.75
C ALA D 115 -18.37 19.86 -56.60
N ALA D 116 -17.04 19.85 -56.60
CA ALA D 116 -16.25 18.89 -57.36
C ALA D 116 -15.36 18.10 -56.41
N PRO D 117 -15.84 16.92 -55.94
CA PRO D 117 -15.06 16.15 -54.98
C PRO D 117 -13.76 15.59 -55.55
N ASP D 118 -12.80 15.34 -54.67
CA ASP D 118 -11.50 14.78 -55.05
C ASP D 118 -11.67 13.45 -55.77
N ILE D 119 -10.98 13.28 -56.89
CA ILE D 119 -11.08 12.06 -57.68
C ILE D 119 -10.09 11.05 -57.11
N LYS D 120 -10.49 10.41 -56.01
CA LYS D 120 -9.65 9.44 -55.33
C LYS D 120 -10.51 8.46 -54.53
N GLU D 121 -9.92 7.33 -54.16
CA GLU D 121 -10.52 6.43 -53.19
C GLU D 121 -9.42 5.90 -52.27
N SER D 122 -9.79 5.56 -51.05
CA SER D 122 -8.81 5.14 -50.06
C SER D 122 -9.29 3.92 -49.28
N TYR D 123 -8.31 3.22 -48.71
CA TYR D 123 -8.57 2.11 -47.78
C TYR D 123 -7.56 2.19 -46.65
N GLU D 124 -8.06 2.30 -45.42
CA GLU D 124 -7.21 2.54 -44.27
C GLU D 124 -7.16 1.36 -43.31
N ILE D 125 -5.96 1.12 -42.78
CA ILE D 125 -5.67 -0.02 -41.92
C ILE D 125 -4.90 0.49 -40.71
N GLY D 126 -5.37 0.11 -39.51
CA GLY D 126 -4.66 0.43 -38.27
C GLY D 126 -3.99 -0.81 -37.72
N ARG D 127 -3.45 -0.72 -36.52
CA ARG D 127 -2.85 -1.88 -35.86
C ARG D 127 -3.93 -2.91 -35.52
N GLU D 128 -3.57 -4.19 -35.57
CA GLU D 128 -4.53 -5.28 -35.38
C GLU D 128 -5.02 -5.42 -33.94
N ASP D 129 -4.12 -5.18 -32.99
CA ASP D 129 -4.41 -5.48 -31.58
C ASP D 129 -5.06 -4.33 -30.80
N GLU D 130 -5.92 -3.55 -31.46
CA GLU D 130 -6.57 -2.42 -30.81
C GLU D 130 -7.98 -2.79 -30.33
N PRO D 131 -8.22 -2.71 -29.00
CA PRO D 131 -9.52 -3.04 -28.42
C PRO D 131 -10.69 -2.26 -29.02
N GLY D 132 -11.68 -2.98 -29.53
CA GLY D 132 -12.90 -2.37 -30.06
C GLY D 132 -12.75 -1.61 -31.36
N HIS D 133 -11.60 -1.73 -32.01
CA HIS D 133 -11.33 -1.07 -33.28
C HIS D 133 -10.58 -2.02 -34.24
N PRO D 134 -11.27 -3.07 -34.71
CA PRO D 134 -10.64 -4.02 -35.63
C PRO D 134 -10.71 -3.55 -37.08
N ASN D 135 -9.74 -3.99 -37.89
CA ASN D 135 -9.69 -3.64 -39.30
C ASN D 135 -10.73 -4.44 -40.09
N PRO D 136 -11.57 -3.75 -40.89
CA PRO D 136 -12.53 -4.49 -41.72
C PRO D 136 -11.82 -5.03 -42.95
N TRP D 137 -11.22 -6.22 -42.81
CA TRP D 137 -10.51 -6.87 -43.90
C TRP D 137 -11.49 -7.42 -44.93
N PRO D 138 -11.15 -7.33 -46.23
CA PRO D 138 -12.01 -7.88 -47.27
C PRO D 138 -11.88 -9.40 -47.36
N ALA D 139 -12.88 -10.05 -47.96
CA ALA D 139 -12.88 -11.50 -48.10
C ALA D 139 -11.68 -11.95 -48.93
N GLU D 140 -10.89 -12.87 -48.37
CA GLU D 140 -9.68 -13.37 -49.02
C GLU D 140 -10.05 -14.41 -50.09
N GLN D 141 -10.15 -13.95 -51.34
CA GLN D 141 -10.46 -14.83 -52.46
C GLN D 141 -10.01 -14.21 -53.78
N ASP D 142 -9.94 -15.04 -54.83
CA ASP D 142 -9.43 -14.62 -56.14
C ASP D 142 -8.10 -13.89 -55.87
N ASP D 143 -7.91 -12.69 -56.42
CA ASP D 143 -6.62 -11.99 -56.34
C ASP D 143 -6.30 -11.39 -54.97
N LEU D 144 -7.23 -11.51 -54.01
CA LEU D 144 -7.06 -10.91 -52.68
C LEU D 144 -6.45 -11.85 -51.63
N VAL D 145 -6.13 -13.08 -52.02
CA VAL D 145 -5.45 -14.00 -51.10
C VAL D 145 -4.05 -13.45 -50.81
N GLY D 146 -3.75 -13.23 -49.53
CA GLY D 146 -2.49 -12.64 -49.11
C GLY D 146 -2.55 -11.14 -48.86
N PHE D 147 -3.74 -10.55 -49.01
CA PHE D 147 -3.91 -9.11 -48.80
C PHE D 147 -3.58 -8.74 -47.35
N LYS D 148 -4.18 -9.45 -46.40
CA LYS D 148 -3.99 -9.15 -44.98
C LYS D 148 -2.53 -9.28 -44.57
N SER D 149 -1.93 -10.44 -44.86
CA SER D 149 -0.54 -10.70 -44.44
C SER D 149 0.45 -9.73 -45.11
N THR D 150 0.17 -9.33 -46.35
CA THR D 150 1.00 -8.36 -47.06
C THR D 150 0.90 -6.97 -46.41
N MET D 151 -0.33 -6.50 -46.21
CA MET D 151 -0.55 -5.19 -45.61
C MET D 151 -0.09 -5.14 -44.14
N ASN D 152 -0.33 -6.19 -43.38
CA ASN D 152 0.18 -6.27 -42.01
C ASN D 152 1.70 -6.23 -41.95
N ASN D 153 2.35 -6.94 -42.87
CA ASN D 153 3.81 -6.91 -42.95
C ASN D 153 4.30 -5.49 -43.24
N PHE D 154 3.69 -4.84 -44.23
CA PHE D 154 4.06 -3.48 -44.60
C PHE D 154 3.83 -2.50 -43.46
N PHE D 155 2.69 -2.64 -42.76
CA PHE D 155 2.37 -1.81 -41.60
C PHE D 155 3.51 -1.85 -40.58
N ASP D 156 3.99 -3.05 -40.28
CA ASP D 156 5.05 -3.23 -39.28
C ASP D 156 6.43 -2.76 -39.75
N GLN D 157 6.68 -2.81 -41.06
CA GLN D 157 7.94 -2.27 -41.59
C GLN D 157 7.94 -0.74 -41.54
N CYS D 158 6.80 -0.13 -41.83
CA CYS D 158 6.64 1.31 -41.70
C CYS D 158 6.67 1.77 -40.23
N LYS D 159 6.11 0.93 -39.35
CA LYS D 159 6.16 1.18 -37.92
C LYS D 159 7.61 1.33 -37.44
N ALA D 160 8.46 0.42 -37.89
CA ALA D 160 9.89 0.41 -37.51
C ALA D 160 10.63 1.60 -38.11
N LEU D 161 10.27 1.98 -39.34
CA LEU D 161 10.87 3.13 -40.00
C LEU D 161 10.53 4.41 -39.23
N HIS D 162 9.27 4.55 -38.85
CA HIS D 162 8.83 5.68 -38.02
C HIS D 162 9.72 5.88 -36.80
N ILE D 163 9.97 4.80 -36.07
CA ILE D 163 10.81 4.83 -34.86
C ILE D 163 12.22 5.33 -35.18
N GLU D 164 12.80 4.87 -36.29
CA GLU D 164 14.13 5.29 -36.69
C GLU D 164 14.20 6.76 -37.14
N VAL D 165 13.14 7.25 -37.80
CA VAL D 165 13.08 8.65 -38.22
C VAL D 165 13.02 9.59 -37.00
N MET D 166 12.27 9.19 -35.97
CA MET D 166 12.19 9.99 -34.75
C MET D 166 13.53 9.97 -34.01
N ARG D 167 14.22 8.84 -34.05
CA ARG D 167 15.57 8.77 -33.51
C ARG D 167 16.52 9.71 -34.24
N ALA D 168 16.38 9.79 -35.56
CA ALA D 168 17.19 10.73 -36.36
C ALA D 168 16.90 12.18 -35.96
N ILE D 169 15.63 12.49 -35.74
CA ILE D 169 15.24 13.83 -35.26
C ILE D 169 15.87 14.10 -33.89
N ALA D 170 15.78 13.12 -32.99
CA ALA D 170 16.38 13.25 -31.66
C ALA D 170 17.88 13.45 -31.73
N VAL D 171 18.55 12.61 -32.52
CA VAL D 171 20.00 12.72 -32.71
C VAL D 171 20.34 14.09 -33.30
N GLY D 172 19.61 14.49 -34.34
CA GLY D 172 19.78 15.81 -34.94
C GLY D 172 19.59 16.94 -33.94
N MET D 173 18.66 16.78 -33.01
CA MET D 173 18.40 17.79 -31.98
C MET D 173 19.47 17.81 -30.89
N GLY D 174 20.23 16.73 -30.77
CA GLY D 174 21.26 16.63 -29.73
C GLY D 174 20.67 16.24 -28.39
N ILE D 175 19.47 15.69 -28.40
CA ILE D 175 18.85 15.12 -27.19
C ILE D 175 19.10 13.61 -27.21
N ASP D 176 18.66 12.93 -26.15
CA ASP D 176 18.78 11.48 -26.07
C ASP D 176 18.20 10.83 -27.32
N ALA D 177 18.98 9.98 -27.98
CA ALA D 177 18.58 9.35 -29.25
C ALA D 177 17.26 8.59 -29.16
N ASN D 178 16.95 8.04 -27.99
CA ASN D 178 15.74 7.27 -27.77
C ASN D 178 14.59 8.07 -27.16
N TYR D 179 14.73 9.39 -27.09
CA TYR D 179 13.73 10.25 -26.46
C TYR D 179 12.29 9.93 -26.85
N PHE D 180 12.03 9.70 -28.14
CA PHE D 180 10.66 9.53 -28.63
C PHE D 180 10.10 8.12 -28.50
N ASP D 181 10.95 7.15 -28.17
CA ASP D 181 10.55 5.74 -28.09
C ASP D 181 9.31 5.53 -27.20
N SER D 182 9.35 6.11 -26.01
CA SER D 182 8.24 5.96 -25.05
C SER D 182 6.98 6.71 -25.48
N PHE D 183 7.12 7.68 -26.39
CA PHE D 183 5.99 8.44 -26.91
C PHE D 183 5.31 7.79 -28.12
N VAL D 184 6.02 6.89 -28.80
CA VAL D 184 5.51 6.31 -30.05
C VAL D 184 5.47 4.77 -30.09
N ASP D 185 5.87 4.10 -29.00
CA ASP D 185 6.02 2.62 -29.02
C ASP D 185 4.74 1.80 -29.24
N VAL D 186 3.57 2.37 -28.98
CA VAL D 186 2.30 1.65 -29.19
C VAL D 186 2.04 1.41 -30.67
N GLY D 187 2.44 2.36 -31.51
CA GLY D 187 2.25 2.24 -32.96
C GLY D 187 0.83 2.56 -33.37
N ASP D 188 0.28 3.65 -32.82
CA ASP D 188 -1.07 4.09 -33.15
C ASP D 188 -1.07 4.78 -34.51
N ASN D 189 -0.72 4.01 -35.54
CA ASN D 189 -0.51 4.54 -36.89
C ASN D 189 -1.59 4.06 -37.84
N ILE D 190 -1.73 4.75 -38.96
CA ILE D 190 -2.73 4.39 -39.97
C ILE D 190 -2.07 4.23 -41.34
N LEU D 191 -2.20 3.03 -41.91
CA LEU D 191 -1.75 2.76 -43.26
C LEU D 191 -2.89 3.05 -44.21
N ARG D 192 -2.72 4.09 -45.03
CA ARG D 192 -3.74 4.51 -45.99
C ARG D 192 -3.32 4.12 -47.41
N LEU D 193 -4.07 3.20 -48.01
CA LEU D 193 -3.90 2.87 -49.42
C LEU D 193 -4.69 3.88 -50.23
N LEU D 194 -4.04 4.49 -51.23
CA LEU D 194 -4.69 5.49 -52.08
C LEU D 194 -4.67 5.08 -53.55
N HIS D 195 -5.81 5.28 -54.21
CA HIS D 195 -5.94 5.06 -55.65
C HIS D 195 -6.63 6.27 -56.25
N TYR D 196 -5.95 6.91 -57.19
CA TYR D 196 -6.52 8.00 -57.96
C TYR D 196 -6.83 7.47 -59.36
N PRO D 197 -8.12 7.23 -59.66
CA PRO D 197 -8.44 6.57 -60.95
C PRO D 197 -8.00 7.37 -62.17
N ALA D 198 -7.85 6.68 -63.30
CA ALA D 198 -7.52 7.33 -64.56
C ALA D 198 -8.53 8.45 -64.84
N VAL D 199 -8.04 9.57 -65.36
CA VAL D 199 -8.88 10.74 -65.59
C VAL D 199 -8.39 11.52 -66.82
N LYS D 200 -9.32 12.13 -67.55
CA LYS D 200 -8.99 12.89 -68.76
C LYS D 200 -8.57 14.32 -68.43
N SER D 201 -7.68 14.88 -69.26
CA SER D 201 -7.22 16.26 -69.10
C SER D 201 -8.35 17.27 -69.26
N GLU D 202 -9.30 16.95 -70.13
CA GLU D 202 -10.51 17.77 -70.32
C GLU D 202 -11.31 17.98 -69.02
N VAL D 203 -11.21 17.01 -68.10
CA VAL D 203 -11.95 17.06 -66.83
C VAL D 203 -11.58 18.32 -66.02
N PHE D 204 -10.31 18.69 -66.05
CA PHE D 204 -9.82 19.84 -65.28
C PHE D 204 -10.10 21.18 -65.96
N LYS D 205 -10.85 21.15 -67.07
CA LYS D 205 -11.30 22.36 -67.76
C LYS D 205 -12.82 22.56 -67.63
N ILE D 206 -13.57 21.45 -67.61
CA ILE D 206 -15.03 21.49 -67.43
C ILE D 206 -15.34 22.06 -66.05
N ASN D 207 -14.71 21.46 -65.04
CA ASN D 207 -14.72 21.99 -63.68
C ASN D 207 -13.28 22.17 -63.18
N PRO D 208 -12.67 23.34 -63.49
CA PRO D 208 -11.36 23.64 -62.95
C PRO D 208 -11.47 23.99 -61.47
N GLY D 209 -10.38 23.85 -60.74
CA GLY D 209 -10.42 23.81 -59.28
C GLY D 209 -10.57 22.37 -58.81
N GLN D 210 -10.82 21.46 -59.76
CA GLN D 210 -10.84 20.03 -59.51
C GLN D 210 -9.40 19.55 -59.28
N VAL D 211 -9.23 18.73 -58.26
CA VAL D 211 -7.92 18.18 -57.93
C VAL D 211 -8.07 16.70 -57.57
N ARG D 212 -6.94 16.01 -57.48
CA ARG D 212 -6.92 14.61 -57.07
C ARG D 212 -6.95 14.50 -55.54
N ALA D 213 -6.23 15.40 -54.86
CA ALA D 213 -6.33 15.52 -53.40
C ALA D 213 -6.27 17.00 -52.99
N GLY D 214 -7.24 17.43 -52.20
CA GLY D 214 -7.35 18.83 -51.78
C GLY D 214 -6.19 19.25 -50.91
N GLU D 215 -5.90 20.55 -50.90
CA GLU D 215 -4.78 21.08 -50.11
C GLU D 215 -5.07 20.92 -48.62
N HIS D 216 -4.03 20.55 -47.87
CA HIS D 216 -4.17 20.27 -46.45
C HIS D 216 -2.80 20.14 -45.80
N THR D 217 -2.80 20.10 -44.47
CA THR D 217 -1.65 19.64 -43.71
C THR D 217 -2.06 18.33 -43.05
N ASP D 218 -1.09 17.45 -42.81
CA ASP D 218 -1.34 16.19 -42.10
C ASP D 218 -1.47 16.47 -40.60
N TYR D 219 -2.18 15.59 -39.90
CA TYR D 219 -2.53 15.82 -38.48
C TYR D 219 -1.47 15.39 -37.49
N GLY D 220 -0.74 14.33 -37.82
CA GLY D 220 0.07 13.59 -36.84
C GLY D 220 1.51 14.04 -36.67
N SER D 221 2.38 13.09 -36.35
CA SER D 221 3.80 13.38 -36.11
C SER D 221 4.58 13.39 -37.42
N ILE D 222 4.69 12.25 -38.08
CA ILE D 222 5.20 12.21 -39.46
C ILE D 222 4.32 11.33 -40.35
N THR D 223 4.45 11.54 -41.65
CA THR D 223 3.80 10.72 -42.65
C THR D 223 4.89 10.15 -43.58
N LEU D 224 4.81 8.85 -43.83
CA LEU D 224 5.67 8.20 -44.81
C LEU D 224 4.86 8.04 -46.09
N LEU D 225 5.25 8.74 -47.14
CA LEU D 225 4.51 8.72 -48.40
C LEU D 225 5.29 8.01 -49.49
N PHE D 226 4.75 6.86 -49.91
CA PHE D 226 5.29 6.10 -51.03
C PHE D 226 4.45 6.46 -52.24
N GLN D 227 5.09 7.04 -53.26
CA GLN D 227 4.39 7.40 -54.49
C GLN D 227 4.96 6.67 -55.71
N ASP D 228 4.11 6.42 -56.69
CA ASP D 228 4.52 5.83 -57.96
C ASP D 228 5.13 6.92 -58.85
N SER D 229 5.28 6.65 -60.15
CA SER D 229 5.97 7.56 -61.06
C SER D 229 5.06 8.55 -61.79
N ARG D 230 3.77 8.55 -61.48
CA ARG D 230 2.81 9.40 -62.22
C ARG D 230 3.04 10.89 -61.97
N GLY D 231 3.38 11.26 -60.75
CA GLY D 231 3.56 12.67 -60.40
C GLY D 231 2.23 13.30 -60.03
N GLY D 232 2.27 14.56 -59.62
CA GLY D 232 1.08 15.30 -59.22
C GLY D 232 1.13 15.84 -57.80
N LEU D 233 2.01 15.31 -56.97
CA LEU D 233 2.14 15.81 -55.59
C LEU D 233 2.81 17.17 -55.63
N GLN D 234 2.23 18.12 -54.89
CA GLN D 234 2.78 19.48 -54.79
C GLN D 234 2.90 19.93 -53.35
N VAL D 235 3.98 20.65 -53.05
CA VAL D 235 4.28 21.16 -51.71
C VAL D 235 4.35 22.68 -51.81
N LYS D 236 3.70 23.38 -50.88
CA LYS D 236 3.65 24.83 -50.92
C LYS D 236 4.95 25.43 -50.40
N SER D 237 5.51 26.35 -51.19
CA SER D 237 6.75 27.01 -50.82
C SER D 237 6.54 27.97 -49.66
N PRO D 238 7.63 28.39 -49.01
CA PRO D 238 7.51 29.43 -47.97
C PRO D 238 7.05 30.77 -48.53
N ASN D 239 7.11 30.93 -49.85
CA ASN D 239 6.64 32.16 -50.48
C ASN D 239 5.28 31.98 -51.16
N GLY D 240 4.57 30.91 -50.83
CA GLY D 240 3.15 30.77 -51.16
C GLY D 240 2.81 30.20 -52.52
N GLN D 241 3.74 29.48 -53.13
CA GLN D 241 3.51 28.82 -54.42
C GLN D 241 3.67 27.31 -54.29
N PHE D 242 2.75 26.57 -54.90
CA PHE D 242 2.86 25.12 -54.95
C PHE D 242 3.96 24.68 -55.91
N ILE D 243 4.82 23.78 -55.42
CA ILE D 243 5.98 23.30 -56.17
C ILE D 243 5.84 21.79 -56.37
N ASP D 244 6.15 21.31 -57.56
CA ASP D 244 6.08 19.89 -57.88
C ASP D 244 7.07 19.09 -57.05
N ALA D 245 6.57 18.10 -56.32
CA ALA D 245 7.40 17.10 -55.66
C ALA D 245 7.59 15.93 -56.61
N THR D 246 8.54 16.08 -57.53
CA THR D 246 8.80 15.10 -58.59
C THR D 246 9.09 13.72 -57.99
N PRO D 247 8.42 12.67 -58.50
CA PRO D 247 8.77 11.33 -58.04
C PRO D 247 10.24 10.99 -58.31
N ILE D 248 10.91 10.43 -57.30
CA ILE D 248 12.25 9.89 -57.47
C ILE D 248 12.16 8.40 -57.11
N GLU D 249 12.72 7.57 -57.98
CA GLU D 249 12.58 6.12 -57.89
C GLU D 249 13.20 5.57 -56.60
N ASN D 250 12.48 4.65 -55.96
CA ASN D 250 12.92 4.04 -54.70
C ASN D 250 13.18 5.03 -53.57
N THR D 251 12.35 6.06 -53.49
CA THR D 251 12.40 6.99 -52.36
C THR D 251 11.09 6.95 -51.59
N VAL D 252 11.14 7.43 -50.36
CA VAL D 252 9.93 7.71 -49.60
C VAL D 252 9.94 9.20 -49.24
N VAL D 253 8.80 9.84 -49.43
CA VAL D 253 8.64 11.25 -49.09
C VAL D 253 8.12 11.28 -47.66
N VAL D 254 8.84 11.97 -46.79
CA VAL D 254 8.51 12.06 -45.39
C VAL D 254 8.23 13.50 -45.01
N ASN D 255 7.07 13.73 -44.40
CA ASN D 255 6.70 15.07 -43.96
C ASN D 255 6.16 15.08 -42.55
N ALA D 256 6.42 16.18 -41.85
CA ALA D 256 5.94 16.37 -40.49
C ALA D 256 4.48 16.79 -40.51
N GLY D 257 3.72 16.33 -39.52
CA GLY D 257 2.33 16.72 -39.39
C GLY D 257 2.15 17.75 -38.31
N ASP D 258 0.90 18.18 -38.13
CA ASP D 258 0.57 19.30 -37.23
C ASP D 258 0.92 19.03 -35.78
N LEU D 259 0.81 17.79 -35.35
CA LEU D 259 1.13 17.45 -33.96
C LEU D 259 2.62 17.59 -33.69
N LEU D 260 3.46 17.20 -34.64
CA LEU D 260 4.91 17.35 -34.48
C LEU D 260 5.32 18.82 -34.53
N ALA D 261 4.68 19.60 -35.39
CA ALA D 261 4.90 21.05 -35.43
C ALA D 261 4.68 21.63 -34.03
N ARG D 262 3.54 21.30 -33.45
CA ARG D 262 3.21 21.77 -32.11
C ARG D 262 4.18 21.23 -31.06
N TRP D 263 4.41 19.91 -31.11
CA TRP D 263 5.34 19.21 -30.22
C TRP D 263 6.71 19.87 -30.20
N SER D 264 7.17 20.29 -31.37
CA SER D 264 8.49 20.91 -31.55
C SER D 264 8.50 22.42 -31.28
N ASN D 265 7.41 22.95 -30.74
CA ASN D 265 7.25 24.40 -30.51
C ASN D 265 7.43 25.20 -31.81
N ASP D 266 6.94 24.65 -32.91
CA ASP D 266 7.03 25.23 -34.25
C ASP D 266 8.47 25.37 -34.80
N THR D 267 9.42 24.61 -34.25
CA THR D 267 10.76 24.56 -34.84
C THR D 267 10.75 23.61 -36.04
N ILE D 268 9.82 22.66 -36.05
CA ILE D 268 9.59 21.80 -37.21
C ILE D 268 8.31 22.25 -37.90
N LYS D 269 8.33 22.22 -39.23
CA LYS D 269 7.21 22.74 -40.04
C LYS D 269 6.28 21.63 -40.49
N SER D 270 4.98 21.88 -40.40
CA SER D 270 3.96 21.05 -41.03
C SER D 270 3.45 21.80 -42.25
N THR D 271 3.76 21.29 -43.43
CA THR D 271 3.65 22.05 -44.67
C THR D 271 2.47 21.63 -45.52
N VAL D 272 1.79 22.63 -46.08
CA VAL D 272 0.63 22.41 -46.94
C VAL D 272 1.05 21.71 -48.23
N HIS D 273 0.23 20.75 -48.64
CA HIS D 273 0.48 19.99 -49.85
C HIS D 273 -0.83 19.48 -50.43
N ARG D 274 -0.77 19.10 -51.71
CA ARG D 274 -1.95 18.68 -52.45
C ARG D 274 -1.52 17.77 -53.59
N VAL D 275 -2.49 17.12 -54.22
CA VAL D 275 -2.23 16.33 -55.42
C VAL D 275 -3.10 16.87 -56.56
N VAL D 276 -2.44 17.31 -57.63
CA VAL D 276 -3.12 17.84 -58.81
C VAL D 276 -2.88 16.92 -60.00
N GLU D 277 -3.39 17.26 -61.17
CA GLU D 277 -3.14 16.45 -62.35
C GLU D 277 -1.63 16.45 -62.64
N PRO D 278 -1.10 15.34 -63.16
CA PRO D 278 0.35 15.29 -63.37
C PRO D 278 0.83 16.39 -64.33
N PRO D 279 2.11 16.79 -64.22
CA PRO D 279 2.63 17.84 -65.09
C PRO D 279 2.87 17.39 -66.54
N LYS D 280 2.32 16.24 -66.92
CA LYS D 280 2.34 15.79 -68.30
C LYS D 280 1.17 16.38 -69.07
N GLN D 281 1.42 16.71 -70.33
CA GLN D 281 0.35 17.05 -71.27
C GLN D 281 -0.02 15.76 -71.99
N GLU D 282 -1.25 15.30 -71.79
CA GLU D 282 -1.74 14.08 -72.43
C GLU D 282 -3.27 14.05 -72.42
N ASP D 283 -3.85 13.22 -73.28
CA ASP D 283 -5.30 13.11 -73.39
C ASP D 283 -5.90 12.55 -72.11
N VAL D 284 -5.40 11.38 -71.71
CA VAL D 284 -5.83 10.73 -70.47
C VAL D 284 -4.65 10.59 -69.53
N HIS D 285 -4.87 10.89 -68.25
CA HIS D 285 -3.88 10.62 -67.20
C HIS D 285 -4.17 9.24 -66.62
N PRO D 286 -3.17 8.34 -66.64
CA PRO D 286 -3.40 6.99 -66.12
C PRO D 286 -3.59 6.97 -64.60
N PRO D 287 -4.00 5.81 -64.05
CA PRO D 287 -4.22 5.73 -62.60
C PRO D 287 -2.96 5.99 -61.79
N ARG D 288 -3.08 6.78 -60.72
CA ARG D 288 -1.99 7.04 -59.81
C ARG D 288 -2.22 6.26 -58.51
N TYR D 289 -1.20 5.53 -58.07
CA TYR D 289 -1.22 4.85 -56.79
C TYR D 289 -0.21 5.49 -55.85
N SER D 290 -0.62 5.69 -54.60
CA SER D 290 0.29 6.10 -53.55
C SER D 290 -0.11 5.41 -52.25
N ILE D 291 0.79 5.44 -51.28
CA ILE D 291 0.50 4.88 -49.96
C ILE D 291 1.02 5.84 -48.89
N ALA D 292 0.11 6.33 -48.05
CA ALA D 292 0.45 7.23 -46.95
C ALA D 292 0.37 6.48 -45.64
N TYR D 293 1.49 6.38 -44.94
CA TYR D 293 1.53 5.81 -43.61
C TYR D 293 1.60 6.94 -42.60
N PHE D 294 0.47 7.23 -41.97
CA PHE D 294 0.36 8.30 -40.98
C PHE D 294 0.83 7.81 -39.63
N CYS D 295 1.93 8.39 -39.15
CA CYS D 295 2.46 8.04 -37.84
C CYS D 295 1.96 9.04 -36.82
N ASN D 296 1.61 8.53 -35.63
CA ASN D 296 1.16 9.37 -34.53
C ASN D 296 1.87 9.00 -33.23
N PRO D 297 1.92 9.95 -32.28
CA PRO D 297 2.31 9.57 -30.92
C PRO D 297 1.27 8.63 -30.32
N ASN D 298 1.67 7.89 -29.29
CA ASN D 298 0.72 7.04 -28.56
C ASN D 298 -0.47 7.87 -28.15
N HIS D 299 -1.68 7.31 -28.24
CA HIS D 299 -2.89 8.05 -27.86
C HIS D 299 -2.80 8.61 -26.44
N LYS D 300 -2.15 7.87 -25.55
CA LYS D 300 -1.98 8.29 -24.15
C LYS D 300 -0.88 9.34 -23.95
N SER D 301 -0.09 9.63 -24.99
CA SER D 301 1.03 10.58 -24.86
C SER D 301 0.58 12.03 -24.65
N TYR D 302 1.32 12.72 -23.80
CA TYR D 302 1.10 14.14 -23.55
C TYR D 302 2.09 14.90 -24.40
N ILE D 303 1.60 15.92 -25.10
CA ILE D 303 2.40 16.67 -26.06
C ILE D 303 2.67 18.08 -25.55
N GLU D 304 3.93 18.34 -25.21
CA GLU D 304 4.39 19.67 -24.83
C GLU D 304 5.80 19.87 -25.37
N ALA D 305 6.26 21.11 -25.42
CA ALA D 305 7.52 21.47 -26.10
C ALA D 305 8.66 20.48 -25.79
N ILE D 306 9.26 19.94 -26.85
CA ILE D 306 10.40 19.02 -26.72
C ILE D 306 11.60 19.78 -26.18
N PRO D 307 12.37 19.17 -25.25
CA PRO D 307 13.58 19.82 -24.73
C PRO D 307 14.52 20.33 -25.81
N GLY D 308 14.98 21.56 -25.67
CA GLY D 308 15.88 22.18 -26.65
C GLY D 308 15.21 22.91 -27.81
N THR D 309 13.88 23.02 -27.79
CA THR D 309 13.13 23.74 -28.83
C THR D 309 12.72 25.14 -28.36
N TYR D 310 13.20 25.53 -27.18
CA TYR D 310 12.95 26.85 -26.61
C TYR D 310 14.11 27.15 -25.67
N ALA D 311 14.43 28.44 -25.51
CA ALA D 311 15.42 28.85 -24.52
C ALA D 311 14.70 29.24 -23.24
N ALA D 312 14.02 30.38 -23.27
CA ALA D 312 13.25 30.85 -22.13
C ALA D 312 11.85 30.25 -22.19
N GLU D 313 11.22 30.14 -21.03
CA GLU D 313 9.88 29.56 -20.93
C GLU D 313 8.85 30.40 -21.68
N SER D 314 9.11 31.70 -21.79
CA SER D 314 8.28 32.63 -22.53
C SER D 314 8.13 32.27 -24.02
N GLU D 315 9.09 31.51 -24.55
CA GLU D 315 9.08 31.10 -25.96
C GLU D 315 8.14 29.92 -26.25
N ARG D 316 7.64 29.26 -25.20
CA ARG D 316 6.66 28.18 -25.36
C ARG D 316 5.34 28.71 -25.90
N LYS D 317 4.92 28.22 -27.05
CA LYS D 317 3.74 28.76 -27.72
C LYS D 317 2.43 28.09 -27.33
N TYR D 318 2.48 26.83 -26.90
CA TYR D 318 1.26 26.01 -26.77
C TYR D 318 1.08 25.33 -25.42
N GLU D 319 -0.18 25.28 -24.96
CA GLU D 319 -0.57 24.47 -23.82
C GLU D 319 -0.33 23.00 -24.16
N GLY D 320 0.02 22.21 -23.15
CA GLY D 320 0.19 20.78 -23.35
C GLY D 320 -1.13 20.15 -23.69
N ILE D 321 -1.11 19.09 -24.50
CA ILE D 321 -2.34 18.38 -24.88
C ILE D 321 -2.13 16.88 -25.00
N ASN D 322 -3.17 16.11 -24.73
CA ASN D 322 -3.17 14.68 -24.98
C ASN D 322 -3.24 14.40 -26.48
N SER D 323 -2.39 13.49 -26.96
CA SER D 323 -2.31 13.17 -28.38
C SER D 323 -3.60 12.58 -28.93
N GLY D 324 -4.13 11.57 -28.23
CA GLY D 324 -5.35 10.89 -28.64
C GLY D 324 -6.53 11.84 -28.76
N LYS D 325 -6.74 12.64 -27.72
CA LYS D 325 -7.78 13.67 -27.71
C LYS D 325 -7.65 14.61 -28.89
N TYR D 326 -6.42 15.06 -29.17
CA TYR D 326 -6.17 15.95 -30.29
C TYR D 326 -6.55 15.34 -31.63
N LEU D 327 -6.11 14.10 -31.86
CA LEU D 327 -6.29 13.46 -33.16
C LEU D 327 -7.76 13.16 -33.48
N VAL D 328 -8.53 12.76 -32.48
CA VAL D 328 -9.96 12.46 -32.71
C VAL D 328 -10.73 13.74 -33.04
N GLN D 329 -10.38 14.84 -32.41
CA GLN D 329 -10.98 16.14 -32.71
C GLN D 329 -10.76 16.53 -34.17
N ARG D 330 -9.51 16.45 -34.62
CA ARG D 330 -9.16 16.74 -36.02
C ARG D 330 -9.93 15.82 -36.97
N LEU D 331 -9.95 14.53 -36.65
CA LEU D 331 -10.64 13.53 -37.48
C LEU D 331 -12.15 13.74 -37.48
N ALA D 332 -12.71 14.04 -36.32
CA ALA D 332 -14.18 14.15 -36.17
C ALA D 332 -14.75 15.52 -36.53
N ALA D 333 -13.89 16.51 -36.77
CA ALA D 333 -14.33 17.90 -36.97
C ALA D 333 -15.31 18.05 -38.13
N THR D 334 -15.01 17.40 -39.26
CA THR D 334 -15.91 17.36 -40.41
C THR D 334 -16.77 16.09 -40.40
N TYR D 335 -16.96 15.51 -39.21
CA TYR D 335 -17.81 14.34 -39.00
C TYR D 335 -17.54 13.21 -40.00
#